data_8F8O
#
_entry.id   8F8O
#
_cell.length_a   67.659
_cell.length_b   102.533
_cell.length_c   145.491
_cell.angle_alpha   90.00
_cell.angle_beta   90.00
_cell.angle_gamma   90.00
#
_symmetry.space_group_name_H-M   'P 21 21 21'
#
loop_
_entity.id
_entity.type
_entity.pdbx_description
1 polymer 'Succinyl-diaminopimelate desuccinylase'
2 non-polymer 'ZINC ION'
3 non-polymer 'SUCCINIC ACID'
4 non-polymer '(2S)-2-HYDROXYPROPANOIC ACID'
5 non-polymer 'TRIETHYLENE GLYCOL'
6 non-polymer 'TETRAETHYLENE GLYCOL'
7 non-polymer 'CITRIC ACID'
8 water water
#
_entity_poly.entity_id   1
_entity_poly.type   'polypeptide(L)'
_entity_poly.pdbx_seq_one_letter_code
;(MSE)NHSDTLSLSLELLQQPSVTPIDHTCQTI(MSE)ADRLAKVGFHIEP(MSE)RFGDVDNLWARRGTEGPVFCFAGH
TDVVPTGRLDAWNSDPFAPEIRDGKLYGRGSAD(MSE)KTALAA(MSE)VVASERFVAKHPNHKGSIAFLITSDEEGPAV
NGTVKVIETLEKRNEKITWCLVGEPSSTHKLGDIVKNGRRGSLNAVLKVQGKQGHVAYPHLARNPIHEASPALAELCQTV
WDNGNEYFPATSFQISNIHAGTGATNVIPGALEVTFNFRYSTEVTAEQLKQRVHEILDKHGLQYEIVWNLSGLPFLTPVG
ELVNAAQTAILNVTGTETELSTSGGTSDGRFIAPTGAQVLELGVLNATIHQINEHVDVHDLDPLTDIYEQILENLLAQEN
LYFQ
;
_entity_poly.pdbx_strand_id   A,B
#
loop_
_chem_comp.id
_chem_comp.type
_chem_comp.name
_chem_comp.formula
2OP non-polymer '(2S)-2-HYDROXYPROPANOIC ACID' 'C3 H6 O3'
CIT non-polymer 'CITRIC ACID' 'C6 H8 O7'
PG4 non-polymer 'TETRAETHYLENE GLYCOL' 'C8 H18 O5'
PGE non-polymer 'TRIETHYLENE GLYCOL' 'C6 H14 O4'
SIN non-polymer 'SUCCINIC ACID' 'C4 H6 O4'
ZN non-polymer 'ZINC ION' 'Zn 2'
#
# COMPACT_ATOMS: atom_id res chain seq x y z
N HIS A 3 10.30 3.78 42.40
CA HIS A 3 10.01 4.32 43.76
C HIS A 3 8.70 5.09 43.72
N SER A 4 8.61 6.02 42.74
CA SER A 4 7.42 6.83 42.50
C SER A 4 6.21 5.93 42.31
N ASP A 5 5.11 6.29 42.99
CA ASP A 5 3.86 5.52 42.88
C ASP A 5 3.33 5.68 41.46
N THR A 6 3.57 6.87 40.87
CA THR A 6 3.14 7.18 39.52
C THR A 6 3.93 6.35 38.52
N LEU A 7 5.25 6.27 38.74
CA LEU A 7 6.08 5.49 37.85
C LEU A 7 5.65 4.02 37.90
N SER A 8 5.46 3.54 39.13
CA SER A 8 5.10 2.15 39.37
C SER A 8 3.82 1.77 38.61
N LEU A 9 2.76 2.58 38.74
CA LEU A 9 1.51 2.31 38.08
C LEU A 9 1.69 2.51 36.58
N SER A 10 2.54 3.48 36.18
CA SER A 10 2.78 3.70 34.77
C SER A 10 3.31 2.41 34.14
N LEU A 11 4.32 1.79 34.77
CA LEU A 11 4.91 0.55 34.28
C LEU A 11 3.86 -0.53 34.09
N GLU A 12 3.00 -0.69 35.10
CA GLU A 12 1.98 -1.73 35.14
C GLU A 12 1.01 -1.61 33.97
N LEU A 13 0.58 -0.37 33.67
CA LEU A 13 -0.30 -0.06 32.56
C LEU A 13 0.42 -0.25 31.23
N LEU A 14 1.66 0.23 31.19
CA LEU A 14 2.50 0.15 30.00
C LEU A 14 2.75 -1.28 29.54
N GLN A 15 2.91 -2.22 30.48
CA GLN A 15 3.14 -3.62 30.12
C GLN A 15 1.92 -4.26 29.47
N GLN A 16 0.78 -3.58 29.47
CA GLN A 16 -0.39 -4.20 28.86
C GLN A 16 -0.49 -3.73 27.42
N PRO A 17 -0.39 -4.66 26.43
CA PRO A 17 -0.48 -4.31 25.02
C PRO A 17 -1.93 -4.01 24.65
N SER A 18 -2.28 -2.74 24.83
CA SER A 18 -3.64 -2.25 24.64
C SER A 18 -3.80 -1.50 23.32
N VAL A 19 -3.53 -2.20 22.21
CA VAL A 19 -3.69 -1.54 20.93
C VAL A 19 -5.20 -1.46 20.67
N THR A 20 -5.66 -0.24 20.34
CA THR A 20 -7.06 0.05 20.04
C THR A 20 -7.72 -1.15 19.38
N PRO A 21 -8.85 -1.71 19.88
CA PRO A 21 -9.52 -1.27 21.11
C PRO A 21 -9.40 -2.20 22.32
N ILE A 22 -8.34 -3.02 22.33
CA ILE A 22 -8.12 -3.96 23.42
C ILE A 22 -7.63 -3.21 24.66
N ASP A 23 -8.38 -3.35 25.76
CA ASP A 23 -8.06 -2.70 27.02
C ASP A 23 -6.93 -3.43 27.74
N HIS A 24 -6.97 -4.76 27.62
CA HIS A 24 -6.00 -5.69 28.19
C HIS A 24 -5.80 -5.42 29.68
N THR A 25 -6.93 -5.33 30.41
CA THR A 25 -7.00 -5.19 31.86
C THR A 25 -6.65 -3.78 32.38
N CYS A 26 -6.24 -2.84 31.52
CA CYS A 26 -5.87 -1.53 32.04
C CYS A 26 -6.98 -0.91 32.90
N GLN A 27 -8.24 -0.93 32.42
CA GLN A 27 -9.34 -0.33 33.17
C GLN A 27 -9.61 -1.11 34.45
N THR A 28 -9.18 -2.38 34.52
CA THR A 28 -9.38 -3.15 35.73
C THR A 28 -8.33 -2.74 36.76
N ILE A 29 -7.09 -2.52 36.29
CA ILE A 29 -5.98 -2.09 37.14
C ILE A 29 -6.36 -0.77 37.80
N MSE A 30 -6.94 0.12 37.00
CA MSE A 30 -7.35 1.43 37.47
C MSE A 30 -8.55 1.32 38.42
O MSE A 30 -8.55 1.95 39.48
CB MSE A 30 -7.69 2.34 36.28
CG MSE A 30 -6.57 2.49 35.27
SE MSE A 30 -7.03 3.82 33.90
CE MSE A 30 -6.96 5.42 35.08
N ALA A 31 -9.54 0.50 38.04
CA ALA A 31 -10.75 0.34 38.84
C ALA A 31 -10.42 -0.28 40.20
N ASP A 32 -9.57 -1.31 40.22
CA ASP A 32 -9.21 -1.95 41.48
C ASP A 32 -8.63 -0.93 42.46
N ARG A 33 -7.98 0.13 41.96
CA ARG A 33 -7.39 1.10 42.88
C ARG A 33 -8.40 2.17 43.29
N LEU A 34 -9.17 2.68 42.33
CA LEU A 34 -10.17 3.68 42.62
C LEU A 34 -11.25 3.12 43.55
N ALA A 35 -11.58 1.83 43.42
CA ALA A 35 -12.61 1.22 44.23
C ALA A 35 -12.23 1.21 45.72
N LYS A 36 -10.92 1.25 46.01
CA LYS A 36 -10.43 1.23 47.38
C LYS A 36 -10.46 2.61 48.02
N VAL A 37 -10.81 3.65 47.25
CA VAL A 37 -10.88 4.99 47.80
C VAL A 37 -12.24 5.62 47.53
N GLY A 38 -13.29 4.78 47.50
CA GLY A 38 -14.67 5.22 47.43
C GLY A 38 -15.26 5.42 46.03
N PHE A 39 -14.54 5.06 44.97
CA PHE A 39 -15.14 5.26 43.66
C PHE A 39 -16.00 4.06 43.27
N HIS A 40 -17.25 4.35 42.94
CA HIS A 40 -18.12 3.32 42.40
C HIS A 40 -17.58 3.02 41.00
N ILE A 41 -17.57 1.73 40.61
CA ILE A 41 -17.06 1.32 39.33
C ILE A 41 -18.21 0.85 38.46
N GLU A 42 -18.44 1.57 37.34
CA GLU A 42 -19.50 1.19 36.42
C GLU A 42 -18.87 0.94 35.03
N PRO A 43 -18.54 -0.32 34.71
CA PRO A 43 -17.97 -0.66 33.42
C PRO A 43 -19.05 -0.60 32.36
N MSE A 44 -18.72 -0.02 31.20
CA MSE A 44 -19.68 0.09 30.12
C MSE A 44 -19.07 -0.45 28.83
O MSE A 44 -18.36 0.27 28.13
CB MSE A 44 -20.13 1.54 29.95
CG MSE A 44 -21.10 2.02 31.01
SE MSE A 44 -21.56 3.89 30.66
CE MSE A 44 -21.68 4.53 32.51
N ARG A 45 -19.36 -1.71 28.52
CA ARG A 45 -18.85 -2.32 27.32
C ARG A 45 -19.84 -2.09 26.19
N PHE A 46 -19.35 -1.47 25.11
CA PHE A 46 -20.12 -1.21 23.90
C PHE A 46 -19.34 -1.88 22.77
N GLY A 47 -19.99 -2.79 22.02
CA GLY A 47 -19.29 -3.52 20.98
C GLY A 47 -18.08 -4.23 21.57
N ASP A 48 -16.92 -3.97 20.96
N ASP A 48 -16.88 -4.03 21.01
CA ASP A 48 -15.64 -4.54 21.38
CA ASP A 48 -15.70 -4.65 21.59
C ASP A 48 -14.82 -3.49 22.14
C ASP A 48 -14.87 -3.59 22.31
N VAL A 49 -15.50 -2.45 22.63
CA VAL A 49 -14.82 -1.37 23.34
C VAL A 49 -15.22 -1.40 24.81
N ASP A 50 -14.22 -1.33 25.71
CA ASP A 50 -14.45 -1.29 27.15
C ASP A 50 -14.40 0.17 27.60
N ASN A 51 -15.25 0.51 28.56
CA ASN A 51 -15.31 1.88 29.05
C ASN A 51 -15.48 1.83 30.56
N LEU A 52 -15.01 2.89 31.22
CA LEU A 52 -15.15 2.95 32.65
C LEU A 52 -15.65 4.32 33.11
N TRP A 53 -16.78 4.27 33.82
CA TRP A 53 -17.35 5.41 34.51
C TRP A 53 -17.17 5.11 35.98
N ALA A 54 -16.17 5.77 36.60
CA ALA A 54 -15.85 5.59 38.01
C ALA A 54 -16.17 6.91 38.71
N ARG A 55 -16.96 6.85 39.80
CA ARG A 55 -17.40 8.07 40.46
C ARG A 55 -17.45 7.97 41.98
N ARG A 56 -16.80 8.94 42.64
CA ARG A 56 -16.80 9.09 44.08
C ARG A 56 -17.65 10.31 44.43
N GLY A 57 -18.78 10.08 45.11
CA GLY A 57 -19.70 11.16 45.48
C GLY A 57 -20.96 11.15 44.62
N THR A 58 -22.01 11.81 45.11
CA THR A 58 -23.28 11.87 44.41
C THR A 58 -23.74 13.31 44.16
N GLU A 59 -23.02 14.30 44.69
CA GLU A 59 -23.41 15.69 44.52
C GLU A 59 -22.41 16.47 43.68
N GLY A 60 -22.85 17.64 43.21
CA GLY A 60 -22.01 18.54 42.42
C GLY A 60 -21.23 19.49 43.33
N PRO A 61 -20.20 20.20 42.83
CA PRO A 61 -19.78 20.10 41.43
C PRO A 61 -19.16 18.74 41.11
N VAL A 62 -19.06 18.42 39.82
CA VAL A 62 -18.52 17.13 39.43
C VAL A 62 -17.23 17.32 38.63
N PHE A 63 -16.11 16.82 39.18
CA PHE A 63 -14.83 16.89 38.50
C PHE A 63 -14.57 15.54 37.82
N CYS A 64 -14.15 15.59 36.55
CA CYS A 64 -13.93 14.36 35.82
C CYS A 64 -12.55 14.31 35.17
N PHE A 65 -11.80 13.23 35.44
CA PHE A 65 -10.57 12.93 34.74
C PHE A 65 -10.93 12.04 33.57
N ALA A 66 -10.52 12.39 32.35
CA ALA A 66 -10.85 11.59 31.18
C ALA A 66 -9.58 11.12 30.48
N GLY A 67 -9.65 10.00 29.76
CA GLY A 67 -8.50 9.46 29.05
C GLY A 67 -8.80 8.11 28.41
N HIS A 68 -7.80 7.56 27.71
CA HIS A 68 -7.92 6.30 27.02
C HIS A 68 -6.76 5.39 27.39
N THR A 69 -7.05 4.08 27.41
CA THR A 69 -6.08 3.04 27.69
C THR A 69 -5.55 2.45 26.39
N ASP A 70 -6.19 2.77 25.25
CA ASP A 70 -5.72 2.23 23.99
C ASP A 70 -4.53 3.06 23.52
N VAL A 71 -3.72 2.44 22.65
CA VAL A 71 -2.55 3.06 22.07
C VAL A 71 -2.52 2.72 20.58
N VAL A 72 -1.90 3.62 19.80
CA VAL A 72 -1.73 3.39 18.37
C VAL A 72 -0.80 2.18 18.20
N PRO A 73 -0.89 1.48 17.04
CA PRO A 73 -0.06 0.32 16.77
C PRO A 73 1.43 0.59 16.83
N THR A 74 2.19 -0.48 17.09
CA THR A 74 3.63 -0.41 17.23
C THR A 74 4.31 -0.82 15.91
N GLY A 75 3.95 -2.00 15.40
CA GLY A 75 4.55 -2.55 14.18
C GLY A 75 5.86 -3.19 14.62
N ARG A 76 6.15 -4.41 14.13
CA ARG A 76 7.38 -5.11 14.47
C ARG A 76 8.42 -4.50 13.53
N LEU A 77 8.56 -3.17 13.58
CA LEU A 77 9.48 -2.46 12.70
C LEU A 77 10.93 -2.82 13.00
N ASP A 78 11.20 -3.12 14.28
CA ASP A 78 12.54 -3.43 14.76
C ASP A 78 13.28 -2.11 14.96
N ALA A 79 12.62 -0.99 14.60
CA ALA A 79 13.22 0.32 14.76
C ALA A 79 13.23 0.69 16.23
N TRP A 80 12.49 -0.12 17.03
CA TRP A 80 12.42 0.05 18.47
C TRP A 80 13.69 -0.49 19.13
N ASN A 81 14.33 0.35 19.97
CA ASN A 81 15.54 -0.03 20.68
C ASN A 81 15.23 -1.04 21.78
N SER A 82 13.99 -1.00 22.28
CA SER A 82 13.51 -1.92 23.30
C SER A 82 12.05 -2.24 22.99
N ASP A 83 11.58 -3.43 23.40
CA ASP A 83 10.21 -3.82 23.14
C ASP A 83 9.27 -2.69 23.61
N PRO A 84 8.35 -2.23 22.73
CA PRO A 84 7.41 -1.16 23.08
C PRO A 84 6.43 -1.47 24.21
N PHE A 85 6.22 -2.77 24.48
CA PHE A 85 5.34 -3.22 25.56
C PHE A 85 6.16 -3.83 26.70
N ALA A 86 7.45 -3.47 26.72
CA ALA A 86 8.38 -3.84 27.78
C ALA A 86 8.99 -2.52 28.22
N PRO A 87 8.23 -1.71 28.97
CA PRO A 87 8.69 -0.40 29.40
C PRO A 87 10.00 -0.47 30.18
N GLU A 88 10.90 0.48 29.89
CA GLU A 88 12.17 0.58 30.60
C GLU A 88 12.67 2.01 30.57
N ILE A 89 13.58 2.32 31.50
CA ILE A 89 14.16 3.64 31.61
C ILE A 89 15.61 3.60 31.09
N ARG A 90 16.00 4.66 30.38
CA ARG A 90 17.36 4.83 29.89
C ARG A 90 17.69 6.32 29.92
N ASP A 91 18.69 6.66 30.73
CA ASP A 91 19.15 8.04 30.88
C ASP A 91 17.95 8.94 31.19
N GLY A 92 17.19 8.54 32.22
CA GLY A 92 16.05 9.28 32.75
C GLY A 92 14.87 9.44 31.79
N LYS A 93 14.67 8.49 30.85
CA LYS A 93 13.55 8.59 29.93
C LYS A 93 12.82 7.25 29.88
N LEU A 94 11.50 7.28 30.10
CA LEU A 94 10.71 6.07 30.08
C LEU A 94 10.25 5.78 28.66
N TYR A 95 10.75 4.68 28.09
CA TYR A 95 10.40 4.29 26.73
C TYR A 95 9.31 3.23 26.73
N GLY A 96 8.40 3.35 25.74
CA GLY A 96 7.31 2.41 25.56
C GLY A 96 6.14 3.03 24.81
N ARG A 97 5.43 2.21 24.03
CA ARG A 97 4.25 2.68 23.33
C ARG A 97 3.22 3.09 24.38
N GLY A 98 2.70 4.31 24.25
CA GLY A 98 1.73 4.83 25.20
C GLY A 98 2.39 5.51 26.40
N SER A 99 3.72 5.56 26.43
CA SER A 99 4.43 6.17 27.55
C SER A 99 4.10 7.66 27.66
N ALA A 100 3.79 8.30 26.51
CA ALA A 100 3.41 9.71 26.49
C ALA A 100 1.93 9.87 26.18
N ASP A 101 1.39 8.98 25.32
CA ASP A 101 0.01 9.05 24.88
C ASP A 101 -0.72 7.74 25.18
N MSE A 102 -1.23 7.57 26.43
CA MSE A 102 -1.19 8.57 27.49
C MSE A 102 -1.26 7.88 28.84
O MSE A 102 -1.82 8.45 29.79
CB MSE A 102 -2.39 9.50 27.37
CG MSE A 102 -3.75 8.80 27.49
SE MSE A 102 -5.22 10.08 27.66
CE MSE A 102 -4.99 10.54 29.54
N LYS A 103 -0.65 6.69 28.95
CA LYS A 103 -0.73 5.90 30.17
C LYS A 103 -0.01 6.55 31.37
N THR A 104 0.98 7.41 31.12
CA THR A 104 1.63 8.01 32.28
C THR A 104 0.65 8.94 32.98
N ALA A 105 -0.13 9.67 32.19
CA ALA A 105 -1.13 10.59 32.71
C ALA A 105 -2.20 9.81 33.47
N LEU A 106 -2.67 8.69 32.90
CA LEU A 106 -3.65 7.84 33.57
C LEU A 106 -3.16 7.55 34.98
N ALA A 107 -1.93 7.07 35.08
CA ALA A 107 -1.34 6.70 36.36
C ALA A 107 -1.32 7.92 37.29
N ALA A 108 -0.91 9.07 36.75
CA ALA A 108 -0.80 10.27 37.56
C ALA A 108 -2.17 10.69 38.09
N MSE A 109 -3.21 10.51 37.27
CA MSE A 109 -4.56 10.89 37.68
C MSE A 109 -5.00 10.02 38.86
O MSE A 109 -5.53 10.52 39.85
CB MSE A 109 -5.52 10.79 36.48
CG MSE A 109 -5.33 11.89 35.41
SE MSE A 109 -6.39 11.55 33.77
CE MSE A 109 -6.81 9.69 34.09
N VAL A 110 -4.75 8.70 38.75
CA VAL A 110 -5.11 7.76 39.78
C VAL A 110 -4.39 8.08 41.09
N VAL A 111 -3.07 8.29 41.04
CA VAL A 111 -2.30 8.59 42.26
C VAL A 111 -2.75 9.93 42.86
N ALA A 112 -3.04 10.91 41.99
CA ALA A 112 -3.49 12.19 42.51
C ALA A 112 -4.81 12.01 43.26
N SER A 113 -5.71 11.21 42.67
CA SER A 113 -7.01 10.94 43.27
C SER A 113 -6.85 10.25 44.62
N GLU A 114 -5.99 9.23 44.69
CA GLU A 114 -5.76 8.51 45.93
C GLU A 114 -5.24 9.46 47.02
N ARG A 115 -4.29 10.34 46.67
CA ARG A 115 -3.72 11.24 47.67
C ARG A 115 -4.73 12.29 48.09
N PHE A 116 -5.48 12.80 47.10
CA PHE A 116 -6.46 13.84 47.38
C PHE A 116 -7.48 13.32 48.40
N VAL A 117 -7.98 12.10 48.14
CA VAL A 117 -8.96 11.46 49.01
C VAL A 117 -8.41 11.19 50.42
N ALA A 118 -7.13 10.85 50.52
CA ALA A 118 -6.53 10.56 51.82
C ALA A 118 -6.37 11.85 52.63
N LYS A 119 -6.03 12.94 51.94
CA LYS A 119 -5.76 14.25 52.51
C LYS A 119 -7.06 14.99 52.80
N HIS A 120 -8.01 14.92 51.87
CA HIS A 120 -9.27 15.65 51.96
C HIS A 120 -10.46 14.70 51.83
N PRO A 121 -10.69 13.81 52.81
CA PRO A 121 -11.82 12.88 52.75
C PRO A 121 -13.19 13.54 52.66
N ASN A 122 -13.35 14.70 53.29
CA ASN A 122 -14.63 15.40 53.33
C ASN A 122 -14.71 16.48 52.24
N HIS A 123 -14.11 16.19 51.08
CA HIS A 123 -14.13 17.13 49.96
C HIS A 123 -15.57 17.26 49.46
N LYS A 124 -15.87 18.40 48.83
CA LYS A 124 -17.21 18.59 48.30
C LYS A 124 -17.25 18.05 46.87
N GLY A 125 -18.47 17.95 46.33
CA GLY A 125 -18.65 17.50 44.97
C GLY A 125 -18.35 16.03 44.77
N SER A 126 -18.08 15.67 43.52
CA SER A 126 -17.79 14.30 43.14
C SER A 126 -16.55 14.27 42.27
N ILE A 127 -15.88 13.12 42.23
CA ILE A 127 -14.75 12.89 41.37
C ILE A 127 -15.11 11.68 40.49
N ALA A 128 -14.81 11.80 39.20
CA ALA A 128 -15.14 10.72 38.30
C ALA A 128 -14.02 10.52 37.28
N PHE A 129 -13.90 9.29 36.80
CA PHE A 129 -12.97 8.94 35.74
C PHE A 129 -13.81 8.42 34.58
N LEU A 130 -13.61 8.97 33.38
CA LEU A 130 -14.31 8.49 32.19
C LEU A 130 -13.22 8.00 31.23
N ILE A 131 -12.96 6.69 31.27
CA ILE A 131 -11.87 6.06 30.54
C ILE A 131 -12.41 5.17 29.42
N THR A 132 -11.75 5.16 28.25
CA THR A 132 -12.21 4.32 27.14
C THR A 132 -11.03 3.53 26.55
N SER A 133 -11.34 2.46 25.79
CA SER A 133 -10.30 1.68 25.14
C SER A 133 -10.32 1.96 23.64
N ASP A 134 -11.17 2.89 23.19
CA ASP A 134 -11.11 3.31 21.79
C ASP A 134 -11.25 4.82 21.68
N GLU A 135 -10.09 5.49 21.71
CA GLU A 135 -10.00 6.93 21.52
C GLU A 135 -9.21 7.21 20.25
N GLU A 136 -8.25 6.33 19.94
CA GLU A 136 -7.36 6.47 18.80
C GLU A 136 -7.97 5.99 17.50
N GLY A 137 -9.03 5.17 17.56
CA GLY A 137 -9.62 4.58 16.35
C GLY A 137 -10.94 5.19 15.93
N PRO A 138 -11.92 4.37 15.44
CA PRO A 138 -13.23 4.86 15.00
C PRO A 138 -13.92 5.67 16.10
N ALA A 139 -13.83 5.15 17.33
CA ALA A 139 -14.37 5.85 18.49
C ALA A 139 -15.87 6.06 18.39
N VAL A 140 -16.61 5.00 18.02
CA VAL A 140 -18.06 5.09 17.99
C VAL A 140 -18.63 4.40 19.22
N ASN A 141 -17.92 3.36 19.71
CA ASN A 141 -18.39 2.59 20.86
C ASN A 141 -17.61 2.97 22.12
N GLY A 142 -17.09 4.18 22.17
CA GLY A 142 -16.30 4.56 23.34
C GLY A 142 -16.92 5.71 24.11
N THR A 143 -16.09 6.70 24.50
CA THR A 143 -16.55 7.85 25.25
C THR A 143 -17.87 8.43 24.74
N VAL A 144 -18.09 8.42 23.42
CA VAL A 144 -19.32 8.99 22.87
C VAL A 144 -20.51 8.26 23.49
N LYS A 145 -20.36 6.95 23.77
CA LYS A 145 -21.47 6.15 24.29
C LYS A 145 -21.67 6.38 25.79
N VAL A 146 -20.55 6.52 26.50
CA VAL A 146 -20.64 6.77 27.93
C VAL A 146 -21.44 8.05 28.12
N ILE A 147 -21.12 9.08 27.33
CA ILE A 147 -21.80 10.37 27.42
C ILE A 147 -23.27 10.22 27.06
N GLU A 148 -23.55 9.45 26.01
CA GLU A 148 -24.94 9.23 25.65
C GLU A 148 -25.66 8.67 26.87
N THR A 149 -25.01 7.75 27.60
CA THR A 149 -25.59 7.12 28.77
C THR A 149 -25.79 8.13 29.91
N LEU A 150 -24.73 8.89 30.24
CA LEU A 150 -24.82 9.88 31.30
C LEU A 150 -25.90 10.90 31.00
N GLU A 151 -25.92 11.45 29.77
CA GLU A 151 -26.87 12.47 29.40
C GLU A 151 -28.31 12.00 29.54
N LYS A 152 -28.57 10.75 29.17
CA LYS A 152 -29.92 10.20 29.23
C LYS A 152 -30.40 10.10 30.67
N ARG A 153 -29.49 10.11 31.65
CA ARG A 153 -29.92 10.01 33.03
C ARG A 153 -29.54 11.29 33.80
N ASN A 154 -29.39 12.39 33.05
CA ASN A 154 -29.15 13.73 33.58
C ASN A 154 -27.96 13.78 34.54
N GLU A 155 -26.88 13.05 34.23
CA GLU A 155 -25.68 13.05 35.06
C GLU A 155 -24.65 13.94 34.36
N LYS A 156 -24.49 15.15 34.91
CA LYS A 156 -23.69 16.21 34.32
C LYS A 156 -22.32 16.32 34.99
N ILE A 157 -21.31 16.62 34.16
CA ILE A 157 -19.94 16.86 34.55
C ILE A 157 -19.71 18.36 34.51
N THR A 158 -19.16 18.92 35.59
CA THR A 158 -18.89 20.35 35.65
C THR A 158 -17.60 20.65 34.90
N TRP A 159 -16.53 19.98 35.31
CA TRP A 159 -15.20 20.19 34.76
C TRP A 159 -14.62 18.87 34.28
N CYS A 160 -14.00 18.89 33.11
CA CYS A 160 -13.39 17.66 32.63
C CYS A 160 -11.95 17.94 32.21
N LEU A 161 -11.02 17.33 32.94
CA LEU A 161 -9.62 17.47 32.61
C LEU A 161 -9.18 16.19 31.92
N VAL A 162 -8.83 16.34 30.63
CA VAL A 162 -8.36 15.25 29.78
C VAL A 162 -6.85 15.20 29.90
N GLY A 163 -6.32 14.00 30.18
CA GLY A 163 -4.88 13.82 30.41
C GLY A 163 -4.03 13.62 29.14
N GLU A 164 -4.51 14.06 27.96
CA GLU A 164 -3.72 13.98 26.74
C GLU A 164 -2.45 14.83 26.90
N PRO A 165 -1.34 14.49 26.22
CA PRO A 165 -0.09 15.25 26.32
C PRO A 165 -0.18 16.64 25.69
N SER A 166 -0.52 17.63 26.52
CA SER A 166 -0.76 19.00 26.09
C SER A 166 0.51 19.83 25.94
N SER A 167 1.58 19.42 26.63
CA SER A 167 2.80 20.20 26.73
C SER A 167 3.68 20.15 25.47
N THR A 168 4.32 21.29 25.16
CA THR A 168 5.21 21.41 24.01
C THR A 168 6.69 21.23 24.41
N HIS A 169 7.26 22.19 25.16
CA HIS A 169 8.68 22.15 25.50
C HIS A 169 8.91 21.70 26.94
N LYS A 170 8.06 22.18 27.87
CA LYS A 170 8.16 21.79 29.27
C LYS A 170 6.74 21.64 29.83
N LEU A 171 6.66 20.84 30.91
CA LEU A 171 5.41 20.41 31.52
C LEU A 171 4.46 21.55 31.87
N GLY A 172 3.26 21.47 31.29
CA GLY A 172 2.18 22.41 31.56
C GLY A 172 2.33 23.79 30.94
N ASP A 173 3.16 23.90 29.89
CA ASP A 173 3.36 25.18 29.22
C ASP A 173 2.16 25.46 28.32
N ILE A 174 1.43 24.39 27.95
CA ILE A 174 0.25 24.52 27.11
C ILE A 174 -0.88 23.65 27.68
N VAL A 175 -2.06 24.25 27.72
CA VAL A 175 -3.28 23.57 28.13
C VAL A 175 -4.27 23.90 27.03
N LYS A 176 -5.15 22.93 26.73
CA LYS A 176 -6.08 23.10 25.63
C LYS A 176 -7.53 23.02 26.11
N ASN A 177 -8.31 24.06 25.76
CA ASN A 177 -9.72 24.15 26.10
C ASN A 177 -10.58 23.93 24.86
N GLY A 178 -9.91 23.68 23.72
CA GLY A 178 -10.59 23.43 22.45
C GLY A 178 -9.69 22.65 21.51
N ARG A 179 -10.25 22.25 20.36
CA ARG A 179 -9.53 21.48 19.37
C ARG A 179 -10.15 21.68 17.99
N ARG A 180 -9.31 21.54 16.95
CA ARG A 180 -9.80 21.58 15.59
C ARG A 180 -10.60 20.29 15.35
N GLY A 181 -11.41 20.30 14.30
CA GLY A 181 -12.17 19.11 13.94
C GLY A 181 -11.27 18.09 13.25
N SER A 182 -11.81 16.90 13.03
CA SER A 182 -11.04 15.84 12.37
C SER A 182 -11.97 15.13 11.40
N LEU A 183 -11.68 15.28 10.10
CA LEU A 183 -12.45 14.69 9.03
C LEU A 183 -11.57 13.72 8.26
N ASN A 184 -12.03 12.46 8.18
CA ASN A 184 -11.30 11.41 7.50
C ASN A 184 -11.98 11.03 6.20
N ALA A 185 -11.17 10.46 5.30
CA ALA A 185 -11.63 10.02 4.00
C ALA A 185 -10.76 8.88 3.50
N VAL A 186 -11.39 7.98 2.74
CA VAL A 186 -10.72 6.89 2.07
C VAL A 186 -11.10 7.06 0.60
N LEU A 187 -10.20 7.68 -0.17
CA LEU A 187 -10.38 7.91 -1.59
C LEU A 187 -9.92 6.71 -2.38
N LYS A 188 -10.80 6.21 -3.26
CA LYS A 188 -10.48 5.08 -4.13
C LYS A 188 -10.55 5.55 -5.58
N VAL A 189 -9.37 5.79 -6.17
CA VAL A 189 -9.29 6.21 -7.56
C VAL A 189 -9.40 4.97 -8.43
N GLN A 190 -10.38 4.97 -9.34
CA GLN A 190 -10.61 3.83 -10.19
C GLN A 190 -9.82 3.99 -11.49
N GLY A 191 -8.95 3.01 -11.75
CA GLY A 191 -8.18 2.91 -12.98
C GLY A 191 -8.65 1.68 -13.74
N LYS A 192 -7.76 1.07 -14.52
CA LYS A 192 -8.06 -0.16 -15.26
C LYS A 192 -6.78 -0.99 -15.37
N GLN A 193 -6.79 -2.16 -14.72
CA GLN A 193 -5.64 -3.05 -14.69
C GLN A 193 -5.22 -3.48 -16.09
N GLY A 194 -3.91 -3.58 -16.31
CA GLY A 194 -3.36 -3.97 -17.59
C GLY A 194 -1.84 -4.19 -17.55
N HIS A 195 -1.22 -4.10 -18.73
CA HIS A 195 0.20 -4.33 -18.91
C HIS A 195 0.91 -2.97 -18.93
N VAL A 196 2.03 -2.85 -18.21
CA VAL A 196 2.73 -1.57 -18.15
C VAL A 196 3.20 -1.14 -19.53
N ALA A 197 3.60 -2.10 -20.38
CA ALA A 197 4.11 -1.78 -21.70
C ALA A 197 2.98 -1.50 -22.71
N TYR A 198 1.72 -1.65 -22.29
CA TYR A 198 0.61 -1.30 -23.17
C TYR A 198 -0.31 -0.35 -22.41
N PRO A 199 0.21 0.79 -21.89
CA PRO A 199 -0.56 1.72 -21.08
C PRO A 199 -1.81 2.32 -21.74
N HIS A 200 -1.76 2.45 -23.08
CA HIS A 200 -2.90 3.00 -23.80
C HIS A 200 -4.12 2.07 -23.69
N LEU A 201 -3.90 0.79 -23.36
CA LEU A 201 -4.99 -0.17 -23.25
C LEU A 201 -5.46 -0.28 -21.79
N ALA A 202 -4.89 0.54 -20.92
CA ALA A 202 -5.26 0.53 -19.52
C ALA A 202 -5.38 1.97 -19.02
N ARG A 203 -5.49 2.11 -17.70
CA ARG A 203 -5.60 3.40 -17.05
C ARG A 203 -4.87 3.28 -15.72
N ASN A 204 -3.68 3.89 -15.66
CA ASN A 204 -2.87 3.82 -14.46
C ASN A 204 -3.43 4.83 -13.46
N PRO A 205 -4.03 4.38 -12.33
CA PRO A 205 -4.60 5.30 -11.36
C PRO A 205 -3.56 6.08 -10.57
N ILE A 206 -2.32 5.57 -10.51
CA ILE A 206 -1.24 6.22 -9.79
C ILE A 206 -0.82 7.46 -10.57
N HIS A 207 -0.80 7.31 -11.89
CA HIS A 207 -0.41 8.41 -12.77
C HIS A 207 -1.47 9.52 -12.77
N GLU A 208 -2.75 9.15 -12.87
CA GLU A 208 -3.85 10.11 -12.91
C GLU A 208 -3.98 10.88 -11.59
N ALA A 209 -3.87 10.18 -10.46
CA ALA A 209 -4.03 10.78 -9.16
C ALA A 209 -2.81 11.62 -8.76
N SER A 210 -1.64 11.26 -9.28
CA SER A 210 -0.39 11.92 -8.90
C SER A 210 -0.53 13.45 -8.88
N PRO A 211 -0.95 14.10 -9.99
CA PRO A 211 -1.08 15.56 -10.00
C PRO A 211 -2.16 16.09 -9.06
N ALA A 212 -3.23 15.31 -8.87
CA ALA A 212 -4.31 15.72 -7.99
C ALA A 212 -3.83 15.73 -6.54
N LEU A 213 -3.12 14.66 -6.13
CA LEU A 213 -2.58 14.56 -4.78
C LEU A 213 -1.59 15.70 -4.53
N ALA A 214 -0.75 15.94 -5.54
CA ALA A 214 0.26 16.98 -5.45
C ALA A 214 -0.41 18.32 -5.12
N GLU A 215 -1.55 18.60 -5.77
CA GLU A 215 -2.27 19.85 -5.55
C GLU A 215 -2.87 19.86 -4.15
N LEU A 216 -3.45 18.73 -3.73
CA LEU A 216 -4.05 18.65 -2.39
C LEU A 216 -3.00 18.95 -1.32
N CYS A 217 -1.76 18.50 -1.52
CA CYS A 217 -0.69 18.71 -0.55
C CYS A 217 -0.21 20.17 -0.53
N GLN A 218 -0.43 20.92 -1.62
CA GLN A 218 0.01 22.31 -1.72
C GLN A 218 -1.14 23.30 -1.57
N THR A 219 -2.36 22.79 -1.32
CA THR A 219 -3.52 23.64 -1.22
C THR A 219 -3.57 24.36 0.14
N VAL A 220 -4.00 25.62 0.11
CA VAL A 220 -4.21 26.45 1.28
C VAL A 220 -5.71 26.44 1.54
N TRP A 221 -6.11 25.72 2.60
CA TRP A 221 -7.51 25.51 2.96
C TRP A 221 -8.09 26.74 3.67
N ASP A 222 -7.34 27.29 4.63
CA ASP A 222 -7.73 28.49 5.33
C ASP A 222 -6.51 29.02 6.07
N ASN A 223 -6.66 30.18 6.70
CA ASN A 223 -5.54 30.78 7.43
C ASN A 223 -5.83 30.67 8.92
N GLY A 224 -6.83 29.86 9.27
CA GLY A 224 -7.24 29.73 10.66
C GLY A 224 -7.77 31.05 11.22
N ASN A 225 -7.65 31.21 12.53
CA ASN A 225 -8.12 32.42 13.19
C ASN A 225 -7.37 32.58 14.52
N GLU A 226 -7.79 33.55 15.33
CA GLU A 226 -7.13 33.83 16.59
C GLU A 226 -7.29 32.68 17.59
N TYR A 227 -8.28 31.81 17.35
CA TYR A 227 -8.58 30.73 18.29
C TYR A 227 -8.02 29.39 17.84
N PHE A 228 -7.96 29.17 16.52
CA PHE A 228 -7.49 27.90 16.00
C PHE A 228 -6.43 28.08 14.91
N PRO A 229 -5.45 27.15 14.84
CA PRO A 229 -4.46 27.19 13.75
C PRO A 229 -5.17 26.78 12.46
N ALA A 230 -4.51 27.04 11.33
CA ALA A 230 -5.05 26.76 10.01
C ALA A 230 -5.29 25.26 9.80
N THR A 231 -6.31 24.96 8.98
CA THR A 231 -6.68 23.62 8.58
C THR A 231 -5.51 22.92 7.89
N SER A 232 -5.23 21.67 8.28
CA SER A 232 -4.12 20.95 7.68
C SER A 232 -4.58 19.63 7.09
N PHE A 233 -3.99 19.31 5.94
CA PHE A 233 -4.25 18.09 5.18
C PHE A 233 -3.03 17.19 5.26
N GLN A 234 -3.27 15.91 5.50
CA GLN A 234 -2.22 14.90 5.58
C GLN A 234 -2.72 13.59 4.99
N ILE A 235 -1.87 12.95 4.21
CA ILE A 235 -2.20 11.64 3.68
C ILE A 235 -1.52 10.64 4.59
N SER A 236 -2.31 9.76 5.20
CA SER A 236 -1.81 8.79 6.17
C SER A 236 -1.41 7.48 5.51
N ASN A 237 -2.13 7.07 4.45
CA ASN A 237 -1.84 5.80 3.79
C ASN A 237 -2.11 5.91 2.29
N ILE A 238 -1.40 5.09 1.49
CA ILE A 238 -1.59 5.06 0.05
C ILE A 238 -1.18 3.68 -0.45
N HIS A 239 -2.03 3.04 -1.26
CA HIS A 239 -1.77 1.68 -1.73
C HIS A 239 -2.34 1.43 -3.12
N ALA A 240 -1.55 0.69 -3.94
CA ALA A 240 -1.93 0.25 -5.28
C ALA A 240 -0.95 -0.84 -5.75
N GLY A 241 -1.48 -1.91 -6.35
CA GLY A 241 -0.70 -3.01 -6.90
C GLY A 241 -0.44 -4.14 -5.90
N THR A 242 -0.29 -5.36 -6.43
CA THR A 242 -0.06 -6.55 -5.62
C THR A 242 1.43 -6.80 -5.38
N GLY A 243 2.26 -6.37 -6.35
CA GLY A 243 3.69 -6.58 -6.26
C GLY A 243 4.34 -6.85 -7.62
N ALA A 244 3.52 -7.12 -8.66
CA ALA A 244 4.06 -7.39 -9.99
C ALA A 244 4.55 -6.09 -10.63
N THR A 245 5.72 -6.16 -11.28
CA THR A 245 6.37 -4.99 -11.87
C THR A 245 5.85 -4.65 -13.25
N ASN A 246 5.13 -5.58 -13.90
CA ASN A 246 4.67 -5.32 -15.27
C ASN A 246 3.16 -5.27 -15.35
N VAL A 247 2.51 -4.94 -14.22
CA VAL A 247 1.07 -4.85 -14.19
C VAL A 247 0.68 -3.46 -13.70
N ILE A 248 -0.12 -2.76 -14.51
CA ILE A 248 -0.70 -1.49 -14.11
C ILE A 248 -1.86 -1.82 -13.18
N PRO A 249 -1.86 -1.33 -11.92
CA PRO A 249 -2.92 -1.66 -10.98
C PRO A 249 -4.26 -1.03 -11.38
N GLY A 250 -5.35 -1.68 -10.96
CA GLY A 250 -6.69 -1.23 -11.30
C GLY A 250 -7.20 -0.12 -10.38
N ALA A 251 -6.61 0.03 -9.18
CA ALA A 251 -7.11 1.05 -8.29
C ALA A 251 -6.05 1.53 -7.31
N LEU A 252 -6.23 2.78 -6.87
CA LEU A 252 -5.36 3.42 -5.90
C LEU A 252 -6.24 3.79 -4.71
N GLU A 253 -5.78 3.49 -3.50
CA GLU A 253 -6.53 3.81 -2.30
C GLU A 253 -5.74 4.85 -1.53
N VAL A 254 -6.37 5.99 -1.24
CA VAL A 254 -5.69 7.08 -0.55
C VAL A 254 -6.48 7.46 0.70
N THR A 255 -5.82 7.36 1.86
CA THR A 255 -6.44 7.68 3.14
C THR A 255 -5.86 9.00 3.61
N PHE A 256 -6.70 10.00 3.84
CA PHE A 256 -6.19 11.30 4.25
C PHE A 256 -7.07 11.91 5.35
N ASN A 257 -6.60 13.01 5.92
CA ASN A 257 -7.27 13.64 7.04
C ASN A 257 -7.13 15.15 7.04
N PHE A 258 -8.16 15.81 7.57
CA PHE A 258 -8.19 17.23 7.76
C PHE A 258 -8.35 17.54 9.25
N ARG A 259 -7.43 18.34 9.78
CA ARG A 259 -7.60 18.88 11.11
C ARG A 259 -8.04 20.30 10.80
N TYR A 260 -9.33 20.63 11.00
CA TYR A 260 -9.80 21.92 10.50
C TYR A 260 -10.28 22.90 11.57
N SER A 261 -10.12 24.18 11.24
CA SER A 261 -10.51 25.31 12.06
C SER A 261 -11.98 25.65 11.82
N THR A 262 -12.49 26.58 12.62
CA THR A 262 -13.87 27.03 12.52
C THR A 262 -14.07 27.96 11.33
N GLU A 263 -13.04 28.10 10.47
CA GLU A 263 -13.16 28.94 9.28
C GLU A 263 -13.82 28.16 8.16
N VAL A 264 -13.88 26.82 8.29
CA VAL A 264 -14.52 25.98 7.29
C VAL A 264 -15.37 24.92 7.98
N THR A 265 -16.24 24.29 7.20
CA THR A 265 -17.08 23.20 7.67
C THR A 265 -16.66 21.93 6.93
N ALA A 266 -17.05 20.77 7.46
CA ALA A 266 -16.71 19.52 6.81
C ALA A 266 -17.29 19.49 5.39
N GLU A 267 -18.54 19.96 5.22
N GLU A 267 -18.54 20.00 5.27
CA GLU A 267 -19.17 19.94 3.90
CA GLU A 267 -19.25 20.07 4.01
C GLU A 267 -18.42 20.86 2.92
C GLU A 267 -18.45 20.86 2.97
N GLN A 268 -17.86 21.99 3.39
CA GLN A 268 -17.11 22.85 2.50
C GLN A 268 -15.84 22.16 2.00
N LEU A 269 -15.13 21.47 2.92
CA LEU A 269 -13.90 20.75 2.59
C LEU A 269 -14.22 19.64 1.57
N LYS A 270 -15.28 18.88 1.87
CA LYS A 270 -15.72 17.79 1.02
C LYS A 270 -16.01 18.30 -0.39
N GLN A 271 -16.62 19.48 -0.50
CA GLN A 271 -17.01 20.05 -1.79
C GLN A 271 -15.76 20.47 -2.57
N ARG A 272 -14.73 21.04 -1.90
CA ARG A 272 -13.54 21.46 -2.62
C ARG A 272 -12.74 20.25 -3.09
N VAL A 273 -12.66 19.21 -2.26
CA VAL A 273 -11.90 18.02 -2.62
C VAL A 273 -12.46 17.41 -3.90
N HIS A 274 -13.78 17.18 -3.96
CA HIS A 274 -14.37 16.61 -5.16
C HIS A 274 -14.15 17.54 -6.35
N GLU A 275 -14.22 18.84 -6.07
CA GLU A 275 -14.03 19.87 -7.08
C GLU A 275 -12.64 19.70 -7.70
N ILE A 276 -11.63 19.48 -6.85
CA ILE A 276 -10.25 19.30 -7.29
C ILE A 276 -10.07 17.93 -7.99
N LEU A 277 -10.69 16.88 -7.45
CA LEU A 277 -10.56 15.56 -8.05
C LEU A 277 -11.24 15.53 -9.41
N ASP A 278 -12.45 16.10 -9.51
CA ASP A 278 -13.20 16.15 -10.76
C ASP A 278 -12.43 16.96 -11.80
N LYS A 279 -11.74 18.01 -11.34
CA LYS A 279 -10.93 18.87 -12.21
C LYS A 279 -9.91 18.03 -12.97
N HIS A 280 -9.23 17.12 -12.23
CA HIS A 280 -8.22 16.25 -12.81
C HIS A 280 -8.85 15.07 -13.57
N GLY A 281 -10.19 15.11 -13.75
CA GLY A 281 -10.90 14.10 -14.51
C GLY A 281 -10.77 12.68 -13.94
N LEU A 282 -10.74 12.56 -12.61
CA LEU A 282 -10.62 11.26 -11.97
C LEU A 282 -11.98 10.59 -11.84
N GLN A 283 -11.97 9.26 -11.90
CA GLN A 283 -13.14 8.44 -11.64
C GLN A 283 -12.88 7.84 -10.27
N TYR A 284 -13.74 8.14 -9.30
CA TYR A 284 -13.47 7.68 -7.95
C TYR A 284 -14.72 7.68 -7.09
N GLU A 285 -14.51 7.21 -5.85
CA GLU A 285 -15.51 7.19 -4.80
C GLU A 285 -14.76 7.54 -3.52
N ILE A 286 -15.38 8.34 -2.66
CA ILE A 286 -14.78 8.69 -1.38
C ILE A 286 -15.75 8.34 -0.28
N VAL A 287 -15.25 7.65 0.74
CA VAL A 287 -16.02 7.36 1.93
C VAL A 287 -15.49 8.30 3.02
N TRP A 288 -16.35 9.24 3.42
CA TRP A 288 -16.03 10.24 4.43
C TRP A 288 -16.45 9.78 5.82
N ASN A 289 -15.73 10.27 6.83
CA ASN A 289 -15.99 9.95 8.22
C ASN A 289 -15.56 11.11 9.11
N LEU A 290 -16.54 11.82 9.66
CA LEU A 290 -16.24 12.94 10.55
C LEU A 290 -15.93 12.40 11.94
N SER A 291 -14.65 12.44 12.32
CA SER A 291 -14.18 11.93 13.60
C SER A 291 -14.53 12.91 14.71
N GLY A 292 -14.42 14.22 14.42
CA GLY A 292 -14.74 15.18 15.44
C GLY A 292 -15.00 16.57 14.87
N LEU A 293 -15.89 17.29 15.54
CA LEU A 293 -16.22 18.66 15.20
C LEU A 293 -15.23 19.56 15.91
N PRO A 294 -14.95 20.77 15.40
CA PRO A 294 -14.11 21.70 16.12
C PRO A 294 -14.90 22.04 17.39
N PHE A 295 -14.21 22.24 18.51
CA PHE A 295 -14.92 22.61 19.70
C PHE A 295 -14.05 23.57 20.49
N LEU A 296 -14.70 24.44 21.25
CA LEU A 296 -14.04 25.43 22.09
C LEU A 296 -14.92 25.65 23.31
N THR A 297 -14.42 25.29 24.50
CA THR A 297 -15.19 25.45 25.71
C THR A 297 -14.79 26.75 26.40
N PRO A 298 -15.63 27.30 27.29
CA PRO A 298 -15.31 28.54 27.99
C PRO A 298 -14.20 28.45 29.03
N VAL A 299 -13.49 29.57 29.16
CA VAL A 299 -12.44 29.73 30.15
C VAL A 299 -13.12 30.04 31.47
N GLY A 300 -13.05 29.10 32.41
CA GLY A 300 -13.68 29.27 33.71
C GLY A 300 -12.76 28.83 34.85
N GLU A 301 -13.38 28.30 35.89
CA GLU A 301 -12.73 27.86 37.12
C GLU A 301 -11.62 26.84 36.84
N LEU A 302 -11.87 25.89 35.92
CA LEU A 302 -10.92 24.83 35.65
C LEU A 302 -9.60 25.42 35.15
N VAL A 303 -9.69 26.35 34.21
CA VAL A 303 -8.50 26.99 33.70
C VAL A 303 -7.78 27.71 34.83
N ASN A 304 -8.51 28.36 35.72
CA ASN A 304 -7.89 29.11 36.81
C ASN A 304 -7.15 28.14 37.74
N ALA A 305 -7.79 27.00 38.05
CA ALA A 305 -7.21 25.99 38.93
C ALA A 305 -5.96 25.36 38.31
N ALA A 306 -5.99 25.19 36.98
CA ALA A 306 -4.86 24.60 36.26
C ALA A 306 -3.72 25.60 36.14
N GLN A 307 -4.04 26.87 35.88
CA GLN A 307 -2.99 27.86 35.80
C GLN A 307 -2.23 27.92 37.12
N THR A 308 -2.99 27.91 38.22
CA THR A 308 -2.44 28.04 39.57
C THR A 308 -1.60 26.82 39.92
N ALA A 309 -2.19 25.64 39.72
CA ALA A 309 -1.56 24.37 40.03
C ALA A 309 -0.19 24.29 39.35
N ILE A 310 -0.20 24.50 38.01
CA ILE A 310 1.00 24.43 37.21
C ILE A 310 2.04 25.43 37.70
N LEU A 311 1.64 26.69 37.85
CA LEU A 311 2.61 27.70 38.25
C LEU A 311 3.23 27.31 39.59
N ASN A 312 2.41 26.85 40.54
CA ASN A 312 2.90 26.49 41.87
C ASN A 312 3.85 25.30 41.81
N VAL A 313 3.70 24.40 40.82
CA VAL A 313 4.51 23.20 40.76
C VAL A 313 5.77 23.36 39.92
N THR A 314 5.70 24.13 38.83
CA THR A 314 6.84 24.22 37.92
C THR A 314 7.38 25.64 37.74
N GLY A 315 6.65 26.65 38.23
CA GLY A 315 7.08 28.03 38.01
C GLY A 315 6.79 28.46 36.56
N THR A 316 5.97 27.68 35.84
CA THR A 316 5.62 27.99 34.47
C THR A 316 4.21 28.57 34.38
N GLU A 317 4.04 29.61 33.55
CA GLU A 317 2.77 30.25 33.29
C GLU A 317 2.19 29.56 32.05
N THR A 318 1.14 28.74 32.23
CA THR A 318 0.59 28.02 31.09
C THR A 318 -0.05 29.00 30.11
N GLU A 319 -0.28 28.50 28.89
CA GLU A 319 -0.86 29.25 27.79
C GLU A 319 -1.94 28.39 27.12
N LEU A 320 -3.09 29.00 26.81
CA LEU A 320 -4.21 28.31 26.18
C LEU A 320 -3.91 28.02 24.71
N SER A 321 -4.52 26.96 24.16
CA SER A 321 -4.30 26.59 22.78
C SER A 321 -5.34 25.56 22.34
N THR A 322 -5.53 25.46 21.02
CA THR A 322 -6.43 24.47 20.47
C THR A 322 -5.68 23.64 19.43
N SER A 323 -4.34 23.71 19.51
CA SER A 323 -3.46 23.06 18.54
C SER A 323 -3.39 21.55 18.73
N GLY A 324 -2.66 20.91 17.82
CA GLY A 324 -2.47 19.47 17.88
C GLY A 324 -3.62 18.76 17.20
N GLY A 325 -3.96 17.57 17.70
CA GLY A 325 -5.04 16.78 17.15
C GLY A 325 -6.35 17.07 17.86
N THR A 326 -7.06 16.01 18.26
CA THR A 326 -8.30 16.15 19.00
C THR A 326 -8.27 15.11 20.12
N SER A 327 -9.37 15.05 20.88
CA SER A 327 -9.48 14.13 22.00
C SER A 327 -10.96 13.83 22.28
N ASP A 328 -11.20 13.05 23.34
CA ASP A 328 -12.56 12.75 23.76
C ASP A 328 -13.21 14.01 24.34
N GLY A 329 -12.46 15.10 24.44
CA GLY A 329 -13.13 16.33 24.83
C GLY A 329 -14.21 16.69 23.80
N ARG A 330 -14.03 16.19 22.57
CA ARG A 330 -14.98 16.52 21.52
C ARG A 330 -16.35 15.92 21.85
N PHE A 331 -16.38 14.91 22.73
CA PHE A 331 -17.64 14.25 23.06
C PHE A 331 -18.16 14.72 24.41
N ILE A 332 -17.26 15.26 25.23
CA ILE A 332 -17.61 15.74 26.56
C ILE A 332 -18.10 17.19 26.49
N ALA A 333 -17.48 18.00 25.61
CA ALA A 333 -17.81 19.40 25.45
C ALA A 333 -19.30 19.63 25.17
N PRO A 334 -19.92 18.89 24.23
CA PRO A 334 -21.34 19.12 23.95
C PRO A 334 -22.25 19.11 25.18
N THR A 335 -21.80 18.54 26.30
CA THR A 335 -22.64 18.42 27.48
C THR A 335 -22.66 19.69 28.31
N GLY A 336 -21.64 20.54 28.16
CA GLY A 336 -21.58 21.77 28.93
C GLY A 336 -20.40 21.79 29.90
N ALA A 337 -19.66 20.68 29.94
CA ALA A 337 -18.50 20.64 30.83
C ALA A 337 -17.40 21.55 30.32
N GLN A 338 -16.77 22.30 31.24
CA GLN A 338 -15.60 23.03 30.81
C GLN A 338 -14.56 21.94 30.55
N VAL A 339 -13.81 22.05 29.46
CA VAL A 339 -12.81 21.04 29.18
C VAL A 339 -11.44 21.68 29.13
N LEU A 340 -10.45 20.92 29.62
CA LEU A 340 -9.09 21.41 29.60
C LEU A 340 -8.15 20.22 29.54
N GLU A 341 -7.26 20.21 28.53
CA GLU A 341 -6.32 19.12 28.38
C GLU A 341 -4.97 19.55 28.93
N LEU A 342 -4.44 18.71 29.82
CA LEU A 342 -3.15 18.91 30.48
C LEU A 342 -2.45 17.57 30.62
N GLY A 343 -1.20 17.52 30.18
CA GLY A 343 -0.41 16.29 30.24
C GLY A 343 1.08 16.53 29.98
N VAL A 344 1.75 15.44 29.58
CA VAL A 344 3.19 15.43 29.34
C VAL A 344 3.47 15.99 27.95
N LEU A 345 4.75 15.94 27.53
CA LEU A 345 5.12 16.41 26.20
C LEU A 345 4.54 15.49 25.12
N ASN A 346 4.13 16.12 24.01
CA ASN A 346 3.57 15.43 22.85
C ASN A 346 4.65 15.19 21.80
N ALA A 347 5.90 15.54 22.13
CA ALA A 347 7.03 15.45 21.21
C ALA A 347 7.16 14.06 20.55
N THR A 348 6.88 12.97 21.26
CA THR A 348 7.13 11.64 20.70
C THR A 348 5.87 10.80 20.51
N ILE A 349 4.68 11.40 20.58
CA ILE A 349 3.46 10.62 20.46
C ILE A 349 3.30 10.11 19.04
N HIS A 350 2.88 8.84 18.92
CA HIS A 350 2.64 8.21 17.63
C HIS A 350 3.94 7.94 16.88
N GLN A 351 5.08 8.10 17.58
CA GLN A 351 6.38 7.86 16.97
C GLN A 351 6.99 6.56 17.50
N ILE A 352 8.08 6.16 16.84
CA ILE A 352 8.89 5.03 17.24
C ILE A 352 9.73 5.49 18.43
N ASN A 353 9.99 4.57 19.38
CA ASN A 353 10.78 4.87 20.57
C ASN A 353 10.13 6.01 21.35
N GLU A 354 8.79 5.97 21.44
CA GLU A 354 8.04 6.93 22.22
C GLU A 354 8.60 6.93 23.64
N HIS A 355 8.64 8.09 24.30
CA HIS A 355 9.21 8.13 25.64
C HIS A 355 8.81 9.40 26.36
N VAL A 356 8.95 9.39 27.69
CA VAL A 356 8.61 10.54 28.51
C VAL A 356 9.74 10.79 29.50
N ASP A 357 10.03 12.06 29.78
CA ASP A 357 11.05 12.40 30.76
C ASP A 357 10.50 12.04 32.14
N VAL A 358 11.13 11.08 32.81
CA VAL A 358 10.70 10.61 34.11
C VAL A 358 10.54 11.76 35.12
N HIS A 359 11.34 12.83 34.98
CA HIS A 359 11.27 13.91 35.95
C HIS A 359 9.95 14.69 35.87
N ASP A 360 9.07 14.34 34.93
CA ASP A 360 7.80 15.03 34.79
C ASP A 360 6.65 14.26 35.45
N LEU A 361 6.86 12.98 35.81
CA LEU A 361 5.82 12.15 36.39
C LEU A 361 5.39 12.66 37.77
N ASP A 362 6.31 12.80 38.71
CA ASP A 362 5.90 13.30 40.02
C ASP A 362 5.29 14.70 39.87
N PRO A 363 5.90 15.65 39.13
CA PRO A 363 5.28 16.98 39.02
C PRO A 363 3.89 16.90 38.40
N LEU A 364 3.70 16.11 37.35
CA LEU A 364 2.37 16.05 36.76
C LEU A 364 1.36 15.59 37.83
N THR A 365 1.76 14.64 38.67
CA THR A 365 0.87 14.10 39.70
C THR A 365 0.53 15.20 40.69
N ASP A 366 1.52 16.00 41.08
CA ASP A 366 1.29 17.07 42.02
C ASP A 366 0.29 18.06 41.40
N ILE A 367 0.44 18.37 40.12
CA ILE A 367 -0.46 19.29 39.43
C ILE A 367 -1.91 18.81 39.52
N TYR A 368 -2.15 17.57 39.14
CA TYR A 368 -3.49 17.01 39.20
C TYR A 368 -4.07 17.13 40.60
N GLU A 369 -3.29 16.69 41.60
CA GLU A 369 -3.76 16.74 42.97
C GLU A 369 -4.13 18.18 43.33
N GLN A 370 -3.29 19.15 42.94
CA GLN A 370 -3.55 20.54 43.30
C GLN A 370 -4.78 21.06 42.53
N ILE A 371 -5.01 20.55 41.32
CA ILE A 371 -6.19 20.97 40.60
C ILE A 371 -7.41 20.55 41.42
N LEU A 372 -7.39 19.29 41.90
CA LEU A 372 -8.45 18.79 42.77
C LEU A 372 -8.61 19.67 44.00
N GLU A 373 -7.48 20.04 44.62
CA GLU A 373 -7.56 20.84 45.83
C GLU A 373 -8.19 22.21 45.57
N ASN A 374 -7.86 22.81 44.42
N ASN A 374 -7.86 22.82 44.43
CA ASN A 374 -8.32 24.16 44.11
CA ASN A 374 -8.36 24.15 44.12
C ASN A 374 -9.80 24.17 43.72
C ASN A 374 -9.86 24.11 43.87
N LEU A 375 -10.32 23.05 43.20
CA LEU A 375 -11.71 22.94 42.80
C LEU A 375 -12.63 22.29 43.85
N LEU A 376 -12.13 21.30 44.59
CA LEU A 376 -13.02 20.57 45.50
C LEU A 376 -12.70 20.72 46.98
N ALA A 377 -11.51 21.21 47.33
CA ALA A 377 -11.24 21.34 48.76
C ALA A 377 -11.72 22.72 49.22
N GLN A 378 -10.85 23.75 49.10
CA GLN A 378 -11.20 25.11 49.47
C GLN A 378 -11.28 25.96 48.20
N SER B 4 -11.43 -28.71 -31.96
CA SER B 4 -10.15 -27.97 -31.88
C SER B 4 -9.22 -28.60 -30.84
N ASP B 5 -8.18 -29.29 -31.32
CA ASP B 5 -7.18 -29.91 -30.46
C ASP B 5 -6.45 -28.80 -29.71
N THR B 6 -6.33 -27.64 -30.36
CA THR B 6 -5.69 -26.48 -29.77
C THR B 6 -6.52 -26.01 -28.58
N LEU B 7 -7.83 -26.03 -28.76
CA LEU B 7 -8.72 -25.56 -27.70
C LEU B 7 -8.66 -26.53 -26.51
N SER B 8 -8.72 -27.84 -26.76
CA SER B 8 -8.71 -28.81 -25.68
C SER B 8 -7.39 -28.74 -24.91
N LEU B 9 -6.28 -28.52 -25.63
CA LEU B 9 -4.99 -28.44 -24.95
C LEU B 9 -4.91 -27.11 -24.20
N SER B 10 -5.50 -26.05 -24.77
CA SER B 10 -5.51 -24.74 -24.12
C SER B 10 -6.18 -24.84 -22.74
N LEU B 11 -7.35 -25.50 -22.72
CA LEU B 11 -8.14 -25.66 -21.51
C LEU B 11 -7.37 -26.40 -20.42
N GLU B 12 -6.61 -27.41 -20.80
CA GLU B 12 -5.88 -28.22 -19.83
C GLU B 12 -4.81 -27.37 -19.16
N LEU B 13 -4.14 -26.53 -19.95
CA LEU B 13 -3.08 -25.65 -19.47
C LEU B 13 -3.68 -24.51 -18.64
N LEU B 14 -4.79 -23.96 -19.13
CA LEU B 14 -5.48 -22.83 -18.49
C LEU B 14 -6.06 -23.22 -17.13
N GLN B 15 -6.36 -24.51 -16.93
CA GLN B 15 -6.88 -24.99 -15.66
C GLN B 15 -5.79 -25.09 -14.59
N GLN B 16 -4.52 -25.01 -14.98
CA GLN B 16 -3.46 -25.11 -13.99
C GLN B 16 -3.07 -23.71 -13.49
N PRO B 17 -3.28 -23.39 -12.19
CA PRO B 17 -2.89 -22.10 -11.65
C PRO B 17 -1.37 -22.02 -11.64
N SER B 18 -0.82 -21.14 -12.49
CA SER B 18 0.61 -21.04 -12.67
C SER B 18 1.13 -19.61 -12.49
N VAL B 19 0.80 -18.95 -11.38
CA VAL B 19 1.33 -17.61 -11.16
C VAL B 19 2.85 -17.70 -10.91
N THR B 20 3.61 -16.91 -11.67
CA THR B 20 5.11 -16.89 -11.59
C THR B 20 5.62 -17.14 -10.16
N PRO B 21 6.72 -17.91 -9.98
CA PRO B 21 7.24 -18.81 -11.01
C PRO B 21 6.70 -20.24 -10.95
N ILE B 22 5.39 -20.41 -10.76
CA ILE B 22 4.80 -21.77 -10.62
C ILE B 22 4.51 -22.33 -12.02
N ASP B 23 4.85 -23.59 -12.27
CA ASP B 23 4.51 -24.22 -13.53
C ASP B 23 3.18 -24.98 -13.38
N HIS B 24 3.05 -25.69 -12.26
CA HIS B 24 1.88 -26.46 -11.87
C HIS B 24 1.49 -27.46 -12.97
N THR B 25 2.43 -28.35 -13.34
CA THR B 25 2.32 -29.44 -14.30
C THR B 25 2.23 -28.97 -15.75
N CYS B 26 2.23 -27.67 -16.02
CA CYS B 26 2.09 -27.25 -17.41
C CYS B 26 3.17 -27.87 -18.31
N GLN B 27 4.45 -27.75 -17.93
CA GLN B 27 5.54 -28.28 -18.74
C GLN B 27 5.48 -29.81 -18.83
N THR B 28 4.87 -30.46 -17.83
CA THR B 28 4.72 -31.91 -17.88
C THR B 28 3.67 -32.29 -18.93
N ILE B 29 2.56 -31.54 -18.94
CA ILE B 29 1.48 -31.77 -19.89
C ILE B 29 2.03 -31.64 -21.31
N MSE B 30 2.86 -30.63 -21.54
CA MSE B 30 3.43 -30.40 -22.86
C MSE B 30 4.41 -31.51 -23.21
O MSE B 30 4.35 -32.08 -24.30
CB MSE B 30 4.15 -29.03 -22.89
CG MSE B 30 3.28 -27.87 -22.46
SE MSE B 30 4.15 -26.15 -22.78
CE MSE B 30 4.05 -26.16 -24.75
N ALA B 31 5.30 -31.81 -22.26
CA ALA B 31 6.33 -32.82 -22.44
C ALA B 31 5.73 -34.20 -22.81
N ASP B 32 4.60 -34.56 -22.19
CA ASP B 32 3.96 -35.85 -22.42
C ASP B 32 3.40 -35.93 -23.85
N ARG B 33 3.05 -34.78 -24.41
CA ARG B 33 2.56 -34.72 -25.78
C ARG B 33 3.75 -34.91 -26.73
N LEU B 34 4.76 -34.06 -26.52
CA LEU B 34 5.94 -34.02 -27.36
C LEU B 34 6.71 -35.33 -27.37
N ALA B 35 6.75 -36.00 -26.21
CA ALA B 35 7.51 -37.23 -26.10
C ALA B 35 6.97 -38.30 -27.04
N LYS B 36 5.70 -38.19 -27.41
CA LYS B 36 5.07 -39.19 -28.27
C LYS B 36 5.28 -38.86 -29.74
N VAL B 37 6.02 -37.79 -30.06
CA VAL B 37 6.24 -37.46 -31.45
C VAL B 37 7.72 -37.18 -31.68
N GLY B 38 8.58 -38.01 -31.06
CA GLY B 38 10.01 -38.02 -31.26
C GLY B 38 10.79 -36.89 -30.60
N PHE B 39 10.25 -36.26 -29.56
CA PHE B 39 11.01 -35.22 -28.91
C PHE B 39 11.70 -35.75 -27.65
N HIS B 40 12.98 -35.45 -27.54
CA HIS B 40 13.74 -35.75 -26.35
C HIS B 40 13.22 -34.77 -25.30
N ILE B 41 12.99 -35.24 -24.07
CA ILE B 41 12.51 -34.37 -23.01
C ILE B 41 13.66 -34.10 -22.04
N GLU B 42 13.98 -32.82 -21.83
CA GLU B 42 15.08 -32.48 -20.94
C GLU B 42 14.68 -31.34 -20.01
N PRO B 43 14.07 -31.66 -18.86
CA PRO B 43 13.67 -30.62 -17.89
C PRO B 43 14.91 -29.99 -17.29
N MSE B 44 14.84 -28.70 -16.96
CA MSE B 44 16.01 -28.03 -16.39
C MSE B 44 15.59 -27.16 -15.21
O MSE B 44 15.23 -26.00 -15.38
CB MSE B 44 16.70 -27.19 -17.47
CG MSE B 44 17.31 -28.00 -18.60
SE MSE B 44 18.48 -26.92 -19.76
CE MSE B 44 18.53 -28.12 -21.34
N ARG B 45 15.64 -27.73 -14.01
CA ARG B 45 15.27 -27.01 -12.79
C ARG B 45 16.41 -26.05 -12.41
N PHE B 46 16.06 -24.79 -12.11
CA PHE B 46 17.01 -23.80 -11.63
C PHE B 46 16.33 -23.04 -10.47
N GLY B 47 16.69 -23.42 -9.24
CA GLY B 47 16.10 -22.82 -8.06
C GLY B 47 14.59 -23.06 -8.00
N ASP B 48 13.84 -21.95 -7.96
CA ASP B 48 12.39 -21.98 -7.85
C ASP B 48 11.69 -21.94 -9.21
N VAL B 49 12.47 -22.15 -10.29
CA VAL B 49 11.92 -22.10 -11.64
C VAL B 49 12.11 -23.43 -12.34
N ASP B 50 11.11 -23.80 -13.15
CA ASP B 50 11.09 -25.01 -13.95
C ASP B 50 11.20 -24.62 -15.41
N ASN B 51 12.06 -25.33 -16.16
CA ASN B 51 12.27 -25.06 -17.57
C ASN B 51 12.21 -26.37 -18.33
N LEU B 52 11.94 -26.27 -19.63
CA LEU B 52 11.90 -27.45 -20.47
C LEU B 52 12.58 -27.20 -21.81
N TRP B 53 13.55 -28.07 -22.11
CA TRP B 53 14.21 -28.13 -23.41
C TRP B 53 13.77 -29.43 -24.05
N ALA B 54 12.99 -29.32 -25.13
CA ALA B 54 12.48 -30.47 -25.85
C ALA B 54 12.98 -30.35 -27.29
N ARG B 55 13.51 -31.45 -27.85
CA ARG B 55 14.08 -31.37 -29.18
C ARG B 55 13.91 -32.67 -29.96
N ARG B 56 13.42 -32.53 -31.20
CA ARG B 56 13.26 -33.60 -32.18
C ARG B 56 14.29 -33.34 -33.28
N GLY B 57 15.20 -34.31 -33.50
CA GLY B 57 16.22 -34.18 -34.52
C GLY B 57 17.57 -33.81 -33.91
N THR B 58 18.67 -34.16 -34.61
CA THR B 58 20.01 -33.88 -34.10
C THR B 58 20.83 -33.07 -35.10
N GLU B 59 20.21 -32.65 -36.20
CA GLU B 59 20.94 -31.89 -37.20
C GLU B 59 20.28 -30.53 -37.39
N GLY B 60 21.05 -29.58 -37.94
CA GLY B 60 20.58 -28.24 -38.23
C GLY B 60 19.91 -28.18 -39.60
N PRO B 61 19.15 -27.11 -39.94
CA PRO B 61 18.92 -25.98 -39.04
C PRO B 61 18.02 -26.31 -37.85
N VAL B 62 18.05 -25.47 -36.81
CA VAL B 62 17.28 -25.70 -35.61
C VAL B 62 16.17 -24.65 -35.46
N PHE B 63 14.91 -25.08 -35.54
CA PHE B 63 13.77 -24.21 -35.33
C PHE B 63 13.28 -24.40 -33.89
N CYS B 64 13.12 -23.29 -33.16
CA CYS B 64 12.73 -23.37 -31.77
C CYS B 64 11.50 -22.52 -31.46
N PHE B 65 10.50 -23.17 -30.86
CA PHE B 65 9.30 -22.51 -30.35
C PHE B 65 9.59 -22.17 -28.91
N ALA B 66 9.42 -20.89 -28.53
CA ALA B 66 9.68 -20.43 -27.17
C ALA B 66 8.39 -19.93 -26.54
N GLY B 67 8.35 -19.96 -25.20
CA GLY B 67 7.18 -19.52 -24.47
C GLY B 67 7.29 -19.73 -22.96
N HIS B 68 6.27 -19.24 -22.23
CA HIS B 68 6.23 -19.39 -20.79
C HIS B 68 4.89 -19.96 -20.34
N THR B 69 4.95 -20.72 -19.24
CA THR B 69 3.79 -21.32 -18.62
C THR B 69 3.27 -20.44 -17.50
N ASP B 70 4.08 -19.47 -17.03
CA ASP B 70 3.63 -18.64 -15.93
C ASP B 70 2.71 -17.53 -16.44
N VAL B 71 1.90 -16.99 -15.51
CA VAL B 71 0.98 -15.91 -15.80
C VAL B 71 1.12 -14.89 -14.69
N VAL B 72 0.70 -13.65 -14.96
CA VAL B 72 0.76 -12.60 -13.96
C VAL B 72 -0.38 -12.81 -12.96
N PRO B 73 -0.32 -12.20 -11.75
CA PRO B 73 -1.39 -12.36 -10.76
C PRO B 73 -2.75 -11.98 -11.34
N THR B 74 -3.81 -12.57 -10.78
CA THR B 74 -5.17 -12.34 -11.27
C THR B 74 -5.70 -10.97 -10.85
N GLY B 75 -5.48 -10.62 -9.58
CA GLY B 75 -5.96 -9.36 -9.03
C GLY B 75 -7.24 -9.60 -8.23
N ARG B 76 -8.11 -8.56 -8.16
CA ARG B 76 -9.38 -8.69 -7.48
C ARG B 76 -10.13 -9.89 -8.03
N LEU B 77 -10.25 -10.96 -7.22
CA LEU B 77 -10.91 -12.17 -7.67
C LEU B 77 -12.41 -11.93 -7.86
N ASP B 78 -12.93 -10.88 -7.23
CA ASP B 78 -14.35 -10.54 -7.33
C ASP B 78 -14.59 -9.57 -8.50
N ALA B 79 -13.53 -9.23 -9.23
CA ALA B 79 -13.65 -8.36 -10.38
C ALA B 79 -13.78 -9.20 -11.64
N TRP B 80 -13.50 -10.52 -11.50
CA TRP B 80 -13.65 -11.44 -12.61
C TRP B 80 -15.08 -11.92 -12.70
N ASN B 81 -15.57 -12.09 -13.94
CA ASN B 81 -16.92 -12.57 -14.19
C ASN B 81 -16.94 -14.08 -14.10
N SER B 82 -15.75 -14.70 -14.21
CA SER B 82 -15.58 -16.14 -14.12
C SER B 82 -14.21 -16.40 -13.50
N ASP B 83 -14.09 -17.52 -12.78
CA ASP B 83 -12.83 -17.87 -12.14
C ASP B 83 -11.72 -17.86 -13.20
N PRO B 84 -10.62 -17.09 -12.97
CA PRO B 84 -9.53 -16.99 -13.94
C PRO B 84 -8.81 -18.31 -14.22
N PHE B 85 -8.87 -19.27 -13.28
CA PHE B 85 -8.23 -20.56 -13.48
C PHE B 85 -9.26 -21.64 -13.82
N ALA B 86 -10.50 -21.20 -14.06
CA ALA B 86 -11.57 -22.05 -14.55
C ALA B 86 -11.96 -21.48 -15.91
N PRO B 87 -11.23 -21.87 -16.98
CA PRO B 87 -11.48 -21.32 -18.30
C PRO B 87 -12.83 -21.76 -18.85
N GLU B 88 -13.49 -20.84 -19.56
CA GLU B 88 -14.77 -21.12 -20.20
C GLU B 88 -14.94 -20.19 -21.39
N ILE B 89 -15.76 -20.63 -22.35
CA ILE B 89 -16.08 -19.86 -23.54
C ILE B 89 -17.41 -19.15 -23.28
N ARG B 90 -17.49 -17.91 -23.74
CA ARG B 90 -18.65 -17.07 -23.50
C ARG B 90 -18.79 -16.10 -24.67
N ASP B 91 -19.68 -16.46 -25.60
N ASP B 91 -19.68 -16.44 -25.62
CA ASP B 91 -19.95 -15.67 -26.79
CA ASP B 91 -19.95 -15.65 -26.81
C ASP B 91 -18.69 -15.59 -27.64
C ASP B 91 -18.69 -15.59 -27.68
N GLY B 92 -18.17 -16.77 -28.02
CA GLY B 92 -17.00 -16.92 -28.87
C GLY B 92 -15.72 -16.29 -28.32
N LYS B 93 -15.59 -16.25 -27.00
CA LYS B 93 -14.41 -15.69 -26.34
C LYS B 93 -14.00 -16.61 -25.20
N LEU B 94 -12.71 -16.97 -25.16
CA LEU B 94 -12.18 -17.85 -24.13
C LEU B 94 -11.60 -17.00 -23.00
N TYR B 95 -12.23 -17.08 -21.82
CA TYR B 95 -11.80 -16.29 -20.67
C TYR B 95 -10.96 -17.11 -19.69
N GLY B 96 -9.93 -16.47 -19.15
CA GLY B 96 -9.03 -17.06 -18.17
C GLY B 96 -7.66 -16.40 -18.19
N ARG B 97 -7.00 -16.34 -17.02
CA ARG B 97 -5.65 -15.80 -16.92
C ARG B 97 -4.72 -16.72 -17.70
N GLY B 98 -4.06 -16.16 -18.71
CA GLY B 98 -3.17 -16.91 -19.57
C GLY B 98 -3.83 -17.29 -20.90
N SER B 99 -5.11 -16.91 -21.07
CA SER B 99 -5.81 -17.21 -22.31
C SER B 99 -5.17 -16.47 -23.49
N ALA B 100 -4.46 -15.36 -23.22
CA ALA B 100 -3.82 -14.65 -24.32
C ALA B 100 -2.30 -14.63 -24.12
N ASP B 101 -1.87 -14.48 -22.86
CA ASP B 101 -0.46 -14.39 -22.52
C ASP B 101 -0.10 -15.51 -21.54
N MSE B 102 0.18 -16.72 -22.06
CA MSE B 102 0.20 -17.07 -23.47
C MSE B 102 -0.06 -18.57 -23.64
O MSE B 102 0.44 -19.17 -24.57
CB MSE B 102 1.55 -16.72 -24.10
CG MSE B 102 2.76 -17.33 -23.41
SE MSE B 102 4.43 -17.28 -24.46
CE MSE B 102 3.86 -18.46 -25.90
N LYS B 103 -0.90 -19.15 -22.77
CA LYS B 103 -1.14 -20.59 -22.77
C LYS B 103 -1.81 -21.04 -24.07
N THR B 104 -2.54 -20.16 -24.77
CA THR B 104 -3.16 -20.61 -26.02
C THR B 104 -2.11 -20.83 -27.11
N ALA B 105 -1.07 -19.99 -27.14
CA ALA B 105 0.00 -20.11 -28.12
C ALA B 105 0.77 -21.41 -27.87
N LEU B 106 1.05 -21.67 -26.59
CA LEU B 106 1.75 -22.88 -26.17
C LEU B 106 1.07 -24.09 -26.81
N ALA B 107 -0.26 -24.12 -26.72
CA ALA B 107 -1.04 -25.22 -27.23
C ALA B 107 -0.95 -25.30 -28.75
N ALA B 108 -0.98 -24.14 -29.43
CA ALA B 108 -0.93 -24.13 -30.88
C ALA B 108 0.41 -24.65 -31.38
N MSE B 109 1.48 -24.31 -30.66
CA MSE B 109 2.82 -24.73 -31.04
C MSE B 109 2.93 -26.26 -30.95
O MSE B 109 3.51 -26.88 -31.83
CB MSE B 109 3.84 -23.98 -30.18
CG MSE B 109 3.92 -22.48 -30.46
SE MSE B 109 5.09 -21.48 -29.22
CE MSE B 109 5.13 -22.80 -27.80
N VAL B 110 2.31 -26.85 -29.91
CA VAL B 110 2.34 -28.29 -29.71
C VAL B 110 1.53 -29.00 -30.79
N VAL B 111 0.31 -28.53 -31.06
CA VAL B 111 -0.56 -29.16 -32.04
C VAL B 111 0.02 -29.00 -33.43
N ALA B 112 0.57 -27.83 -33.74
CA ALA B 112 1.20 -27.60 -35.03
C ALA B 112 2.39 -28.55 -35.19
N SER B 113 3.17 -28.71 -34.10
CA SER B 113 4.31 -29.61 -34.11
C SER B 113 3.87 -31.06 -34.39
N GLU B 114 2.77 -31.52 -33.76
CA GLU B 114 2.24 -32.88 -33.91
C GLU B 114 1.76 -33.13 -35.34
N ARG B 115 0.92 -32.23 -35.83
CA ARG B 115 0.37 -32.27 -37.18
C ARG B 115 1.49 -32.22 -38.22
N PHE B 116 2.52 -31.41 -37.93
CA PHE B 116 3.64 -31.26 -38.86
C PHE B 116 4.43 -32.56 -38.97
N VAL B 117 4.79 -33.14 -37.81
CA VAL B 117 5.55 -34.39 -37.76
C VAL B 117 4.74 -35.52 -38.42
N ALA B 118 3.41 -35.44 -38.36
CA ALA B 118 2.62 -36.52 -38.93
C ALA B 118 2.68 -36.49 -40.46
N LYS B 119 2.54 -35.29 -41.08
CA LYS B 119 2.51 -35.16 -42.54
C LYS B 119 3.92 -35.05 -43.13
N HIS B 120 4.92 -34.68 -42.30
CA HIS B 120 6.28 -34.50 -42.79
C HIS B 120 7.27 -35.14 -41.80
N PRO B 121 7.27 -36.49 -41.64
CA PRO B 121 8.15 -37.15 -40.67
C PRO B 121 9.64 -37.09 -40.95
N ASN B 122 10.02 -37.06 -42.24
CA ASN B 122 11.42 -37.05 -42.66
C ASN B 122 11.85 -35.63 -43.03
N HIS B 123 11.38 -34.65 -42.26
CA HIS B 123 11.71 -33.25 -42.44
C HIS B 123 13.19 -33.07 -42.10
N LYS B 124 13.80 -31.99 -42.59
CA LYS B 124 15.20 -31.76 -42.25
C LYS B 124 15.25 -30.95 -40.96
N GLY B 125 16.48 -30.73 -40.47
CA GLY B 125 16.75 -29.93 -39.29
C GLY B 125 16.19 -30.54 -38.00
N SER B 126 15.96 -29.66 -37.03
CA SER B 126 15.44 -30.05 -35.73
C SER B 126 14.34 -29.07 -35.34
N ILE B 127 13.42 -29.53 -34.50
CA ILE B 127 12.37 -28.71 -33.93
C ILE B 127 12.64 -28.70 -32.43
N ALA B 128 12.53 -27.54 -31.77
CA ALA B 128 12.81 -27.53 -30.35
C ALA B 128 11.81 -26.67 -29.59
N PHE B 129 11.64 -26.98 -28.31
CA PHE B 129 10.82 -26.17 -27.43
C PHE B 129 11.67 -25.70 -26.27
N LEU B 130 11.62 -24.40 -26.02
CA LEU B 130 12.31 -23.82 -24.88
C LEU B 130 11.22 -23.11 -24.10
N ILE B 131 10.79 -23.76 -23.00
CA ILE B 131 9.67 -23.30 -22.19
C ILE B 131 10.14 -23.06 -20.76
N THR B 132 9.76 -21.90 -20.20
CA THR B 132 10.12 -21.53 -18.84
C THR B 132 8.87 -21.25 -18.00
N SER B 133 9.02 -21.25 -16.67
CA SER B 133 7.93 -20.90 -15.78
C SER B 133 8.20 -19.56 -15.10
N ASP B 134 9.28 -18.86 -15.50
CA ASP B 134 9.50 -17.50 -15.00
C ASP B 134 9.98 -16.61 -16.13
N GLU B 135 9.01 -16.06 -16.86
CA GLU B 135 9.26 -15.09 -17.92
C GLU B 135 8.72 -13.74 -17.48
N GLU B 136 7.64 -13.76 -16.69
CA GLU B 136 6.96 -12.55 -16.24
C GLU B 136 7.66 -11.87 -15.06
N GLY B 137 8.51 -12.57 -14.31
CA GLY B 137 9.09 -12.01 -13.10
C GLY B 137 10.58 -11.73 -13.18
N PRO B 138 11.36 -12.01 -12.10
CA PRO B 138 12.81 -11.76 -12.08
C PRO B 138 13.50 -12.34 -13.30
N ALA B 139 13.08 -13.55 -13.70
CA ALA B 139 13.61 -14.23 -14.88
C ALA B 139 15.14 -14.36 -14.78
N VAL B 140 15.61 -14.85 -13.63
CA VAL B 140 17.04 -15.05 -13.43
C VAL B 140 17.33 -16.54 -13.46
N ASN B 141 16.28 -17.36 -13.26
CA ASN B 141 16.43 -18.81 -13.26
C ASN B 141 15.62 -19.46 -14.37
N GLY B 142 15.22 -18.65 -15.36
CA GLY B 142 14.38 -19.15 -16.45
C GLY B 142 15.15 -19.43 -17.73
N THR B 143 14.64 -18.88 -18.84
CA THR B 143 15.20 -19.06 -20.17
C THR B 143 16.68 -18.65 -20.22
N VAL B 144 17.09 -17.72 -19.35
CA VAL B 144 18.47 -17.28 -19.41
C VAL B 144 19.39 -18.44 -19.02
N LYS B 145 18.98 -19.24 -18.03
CA LYS B 145 19.80 -20.36 -17.58
C LYS B 145 19.77 -21.51 -18.59
N VAL B 146 18.68 -21.66 -19.36
CA VAL B 146 18.60 -22.70 -20.37
C VAL B 146 19.61 -22.42 -21.47
N ILE B 147 19.60 -21.18 -21.96
CA ILE B 147 20.52 -20.71 -22.99
C ILE B 147 21.97 -20.90 -22.53
N GLU B 148 22.21 -20.58 -21.26
CA GLU B 148 23.54 -20.71 -20.69
C GLU B 148 24.02 -22.15 -20.86
N THR B 149 23.10 -23.10 -20.64
CA THR B 149 23.40 -24.52 -20.75
C THR B 149 23.60 -24.91 -22.21
N LEU B 150 22.73 -24.42 -23.10
CA LEU B 150 22.85 -24.76 -24.51
C LEU B 150 24.17 -24.24 -25.09
N GLU B 151 24.49 -22.97 -24.76
CA GLU B 151 25.71 -22.34 -25.24
C GLU B 151 26.96 -23.06 -24.76
N LYS B 152 26.93 -23.56 -23.53
CA LYS B 152 28.10 -24.22 -22.96
C LYS B 152 28.38 -25.53 -23.70
N ARG B 153 27.36 -26.12 -24.34
CA ARG B 153 27.59 -27.36 -25.06
C ARG B 153 27.45 -27.14 -26.57
N ASN B 154 27.57 -25.88 -27.03
CA ASN B 154 27.55 -25.50 -28.44
C ASN B 154 26.29 -25.99 -29.17
N GLU B 155 25.12 -25.87 -28.54
CA GLU B 155 23.87 -26.27 -29.17
C GLU B 155 23.15 -24.99 -29.60
N LYS B 156 23.25 -24.69 -30.90
CA LYS B 156 22.74 -23.45 -31.47
C LYS B 156 21.33 -23.60 -32.05
N ILE B 157 20.59 -22.50 -31.96
CA ILE B 157 19.24 -22.33 -32.48
C ILE B 157 19.34 -21.43 -33.71
N THR B 158 18.72 -21.84 -34.82
CA THR B 158 18.79 -21.03 -36.03
C THR B 158 17.65 -20.01 -36.03
N TRP B 159 16.45 -20.49 -35.76
CA TRP B 159 15.24 -19.68 -35.79
C TRP B 159 14.45 -19.91 -34.53
N CYS B 160 14.00 -18.84 -33.89
CA CYS B 160 13.22 -18.98 -32.67
C CYS B 160 11.96 -18.14 -32.80
N LEU B 161 10.80 -18.80 -32.69
CA LEU B 161 9.54 -18.08 -32.76
C LEU B 161 8.91 -18.10 -31.37
N VAL B 162 8.91 -16.92 -30.72
CA VAL B 162 8.33 -16.74 -29.40
C VAL B 162 6.83 -16.52 -29.60
N GLY B 163 6.00 -17.40 -29.01
CA GLY B 163 4.56 -17.34 -29.18
C GLY B 163 3.86 -16.25 -28.38
N GLU B 164 4.56 -15.15 -28.05
CA GLU B 164 3.93 -14.06 -27.32
C GLU B 164 2.82 -13.46 -28.20
N PRO B 165 1.79 -12.83 -27.59
CA PRO B 165 0.69 -12.22 -28.35
C PRO B 165 1.14 -10.93 -29.02
N SER B 166 1.62 -11.05 -30.26
CA SER B 166 2.18 -9.95 -31.01
C SER B 166 1.13 -9.10 -31.73
N SER B 167 -0.07 -9.65 -31.94
CA SER B 167 -1.07 -9.00 -32.76
C SER B 167 -1.78 -7.83 -32.07
N THR B 168 -2.21 -6.85 -32.88
CA THR B 168 -2.90 -5.66 -32.39
C THR B 168 -4.39 -5.70 -32.70
N HIS B 169 -4.76 -5.66 -33.99
CA HIS B 169 -6.16 -5.62 -34.40
C HIS B 169 -6.65 -6.98 -34.89
N LYS B 170 -5.86 -7.65 -35.74
CA LYS B 170 -6.25 -8.96 -36.26
C LYS B 170 -5.03 -9.87 -36.23
N LEU B 171 -5.29 -11.18 -36.25
CA LEU B 171 -4.25 -12.18 -36.08
C LEU B 171 -3.13 -12.01 -37.12
N GLY B 172 -1.91 -11.86 -36.62
CA GLY B 172 -0.71 -11.75 -37.42
C GLY B 172 -0.50 -10.41 -38.11
N ASP B 173 -1.20 -9.35 -37.67
CA ASP B 173 -0.99 -8.06 -38.31
C ASP B 173 0.38 -7.51 -37.93
N ILE B 174 0.93 -8.00 -36.81
CA ILE B 174 2.23 -7.55 -36.31
C ILE B 174 3.05 -8.78 -35.91
N VAL B 175 4.35 -8.73 -36.24
CA VAL B 175 5.35 -9.70 -35.84
C VAL B 175 6.54 -8.89 -35.35
N LYS B 176 7.23 -9.39 -34.30
CA LYS B 176 8.29 -8.60 -33.69
C LYS B 176 9.64 -9.32 -33.74
N ASN B 177 10.67 -8.58 -34.15
CA ASN B 177 12.02 -9.12 -34.28
C ASN B 177 12.97 -8.43 -33.31
N GLY B 178 12.40 -7.57 -32.46
CA GLY B 178 13.18 -6.85 -31.46
C GLY B 178 12.26 -6.33 -30.37
N ARG B 179 12.85 -5.70 -29.35
CA ARG B 179 12.09 -5.20 -28.24
C ARG B 179 12.89 -4.12 -27.51
N ARG B 180 12.18 -3.19 -26.86
CA ARG B 180 12.83 -2.20 -26.04
C ARG B 180 13.37 -2.87 -24.78
N GLY B 181 14.26 -2.17 -24.08
CA GLY B 181 14.79 -2.70 -22.83
C GLY B 181 13.74 -2.57 -21.72
N SER B 182 14.04 -3.15 -20.56
CA SER B 182 13.16 -3.05 -19.42
C SER B 182 14.03 -2.86 -18.18
N LEU B 183 13.82 -1.73 -17.48
CA LEU B 183 14.60 -1.39 -16.30
C LEU B 183 13.68 -1.14 -15.10
N ASN B 184 13.82 -1.98 -14.05
CA ASN B 184 12.98 -1.87 -12.88
C ASN B 184 13.73 -1.18 -11.75
N ALA B 185 12.94 -0.58 -10.84
CA ALA B 185 13.47 0.10 -9.68
C ALA B 185 12.47 0.00 -8.53
N VAL B 186 12.99 -0.11 -7.33
CA VAL B 186 12.18 -0.08 -6.13
C VAL B 186 12.73 1.08 -5.31
N LEU B 187 11.98 2.19 -5.29
CA LEU B 187 12.35 3.39 -4.59
C LEU B 187 11.77 3.41 -3.18
N LYS B 188 12.64 3.61 -2.19
CA LYS B 188 12.21 3.69 -0.80
C LYS B 188 12.53 5.08 -0.25
N VAL B 189 11.50 5.93 -0.17
CA VAL B 189 11.63 7.30 0.32
C VAL B 189 11.46 7.28 1.84
N GLN B 190 12.46 7.80 2.56
CA GLN B 190 12.44 7.79 4.02
C GLN B 190 11.89 9.10 4.58
N GLY B 191 10.99 8.94 5.54
CA GLY B 191 10.40 10.03 6.30
C GLY B 191 10.55 9.71 7.78
N LYS B 192 9.62 10.19 8.60
CA LYS B 192 9.67 9.92 10.03
C LYS B 192 8.25 9.78 10.56
N GLN B 193 7.95 8.57 11.06
CA GLN B 193 6.65 8.20 11.59
C GLN B 193 6.31 9.09 12.78
N GLY B 194 5.07 9.61 12.77
CA GLY B 194 4.62 10.50 13.83
C GLY B 194 3.11 10.70 13.83
N HIS B 195 2.66 11.77 14.49
CA HIS B 195 1.25 12.06 14.58
C HIS B 195 0.83 12.97 13.42
N VAL B 196 -0.33 12.68 12.83
CA VAL B 196 -0.88 13.43 11.72
C VAL B 196 -1.12 14.90 12.11
N ALA B 197 -1.47 15.14 13.38
CA ALA B 197 -1.74 16.49 13.84
C ALA B 197 -0.47 17.22 14.27
N TYR B 198 0.69 16.56 14.18
CA TYR B 198 1.95 17.20 14.53
C TYR B 198 2.95 16.99 13.41
N PRO B 199 2.59 17.33 12.14
CA PRO B 199 3.48 17.09 11.00
C PRO B 199 4.85 17.75 11.10
N HIS B 200 4.95 18.86 11.84
CA HIS B 200 6.23 19.53 11.99
C HIS B 200 7.23 18.66 12.75
N LEU B 201 6.73 17.71 13.55
CA LEU B 201 7.60 16.82 14.34
C LEU B 201 7.87 15.53 13.59
N ALA B 202 7.44 15.46 12.33
CA ALA B 202 7.62 14.25 11.55
C ALA B 202 7.97 14.64 10.10
N ARG B 203 8.12 13.62 9.25
CA ARG B 203 8.42 13.81 7.83
C ARG B 203 7.47 12.91 7.05
N ASN B 204 6.57 13.51 6.28
CA ASN B 204 5.62 12.71 5.54
C ASN B 204 6.24 12.38 4.17
N PRO B 205 6.59 11.10 3.91
CA PRO B 205 7.19 10.72 2.63
C PRO B 205 6.25 10.84 1.43
N ILE B 206 4.95 10.69 1.68
CA ILE B 206 3.95 10.78 0.62
C ILE B 206 3.90 12.23 0.13
N HIS B 207 3.97 13.19 1.06
CA HIS B 207 3.93 14.60 0.71
C HIS B 207 5.18 15.03 -0.05
N GLU B 208 6.37 14.62 0.43
CA GLU B 208 7.62 15.00 -0.21
C GLU B 208 7.72 14.40 -1.61
N ALA B 209 7.35 13.12 -1.77
CA ALA B 209 7.48 12.43 -3.05
C ALA B 209 6.48 12.89 -4.11
N SER B 210 5.29 13.35 -3.70
CA SER B 210 4.23 13.73 -4.63
C SER B 210 4.75 14.57 -5.80
N PRO B 211 5.37 15.74 -5.56
CA PRO B 211 5.84 16.57 -6.66
C PRO B 211 6.78 15.81 -7.60
N ALA B 212 7.62 14.93 -7.03
CA ALA B 212 8.57 14.14 -7.82
C ALA B 212 7.85 13.14 -8.73
N LEU B 213 6.96 12.33 -8.15
CA LEU B 213 6.23 11.34 -8.92
C LEU B 213 5.47 12.04 -10.04
N ALA B 214 4.94 13.23 -9.72
CA ALA B 214 4.19 14.00 -10.70
C ALA B 214 5.12 14.38 -11.86
N GLU B 215 6.34 14.81 -11.51
CA GLU B 215 7.31 15.24 -12.50
C GLU B 215 7.74 14.04 -13.34
N LEU B 216 8.07 12.91 -12.68
CA LEU B 216 8.48 11.72 -13.42
C LEU B 216 7.40 11.32 -14.42
N CYS B 217 6.14 11.30 -13.99
CA CYS B 217 5.03 10.87 -14.83
C CYS B 217 4.89 11.72 -16.09
N GLN B 218 5.36 12.98 -16.06
CA GLN B 218 5.23 13.87 -17.21
C GLN B 218 6.55 14.04 -17.97
N THR B 219 7.65 13.54 -17.41
CA THR B 219 8.95 13.70 -18.04
C THR B 219 9.01 12.99 -19.38
N VAL B 220 9.53 13.70 -20.40
CA VAL B 220 9.74 13.15 -21.73
C VAL B 220 11.16 12.56 -21.73
N TRP B 221 11.26 11.25 -21.92
CA TRP B 221 12.53 10.52 -21.85
C TRP B 221 13.29 10.61 -23.17
N ASP B 222 12.66 10.19 -24.27
CA ASP B 222 13.24 10.30 -25.60
C ASP B 222 12.08 10.26 -26.59
N ASN B 223 12.37 10.46 -27.87
CA ASN B 223 11.33 10.45 -28.88
C ASN B 223 11.41 9.13 -29.64
N GLY B 224 12.25 8.22 -29.14
CA GLY B 224 12.45 6.94 -29.79
C GLY B 224 13.21 7.11 -31.09
N ASN B 225 13.07 6.12 -31.98
CA ASN B 225 13.70 6.19 -33.27
C ASN B 225 12.88 5.38 -34.25
N GLU B 226 13.44 5.14 -35.44
CA GLU B 226 12.74 4.45 -36.51
C GLU B 226 12.63 2.94 -36.26
N TYR B 227 13.32 2.43 -35.23
CA TYR B 227 13.27 1.00 -34.93
C TYR B 227 12.55 0.72 -33.61
N PHE B 228 12.47 1.73 -32.73
CA PHE B 228 11.91 1.56 -31.41
C PHE B 228 11.01 2.72 -31.01
N PRO B 229 9.87 2.45 -30.34
CA PRO B 229 9.01 3.54 -29.86
C PRO B 229 9.75 4.24 -28.72
N ALA B 230 9.22 5.39 -28.32
CA ALA B 230 9.83 6.18 -27.29
C ALA B 230 9.81 5.44 -25.95
N THR B 231 10.82 5.75 -25.13
CA THR B 231 10.94 5.22 -23.78
C THR B 231 9.70 5.63 -22.99
N SER B 232 9.13 4.69 -22.22
CA SER B 232 7.95 4.97 -21.42
C SER B 232 8.19 4.58 -19.97
N PHE B 233 7.65 5.41 -19.07
CA PHE B 233 7.73 5.30 -17.62
C PHE B 233 6.39 4.89 -17.04
N GLN B 234 6.40 3.94 -16.09
CA GLN B 234 5.18 3.48 -15.44
C GLN B 234 5.45 3.08 -14.00
N ILE B 235 4.55 3.53 -13.10
CA ILE B 235 4.60 3.13 -11.71
C ILE B 235 3.62 1.97 -11.60
N SER B 236 4.10 0.83 -11.08
CA SER B 236 3.27 -0.36 -10.97
C SER B 236 2.76 -0.55 -9.55
N ASN B 237 3.52 -0.05 -8.56
CA ASN B 237 3.11 -0.25 -7.17
C ASN B 237 3.53 0.94 -6.31
N ILE B 238 2.75 1.23 -5.26
CA ILE B 238 3.07 2.30 -4.33
C ILE B 238 2.45 1.92 -2.98
N HIS B 239 3.22 2.07 -1.90
CA HIS B 239 2.76 1.67 -0.58
C HIS B 239 3.38 2.54 0.52
N ALA B 240 2.55 2.87 1.52
CA ALA B 240 2.96 3.62 2.69
C ALA B 240 1.85 3.56 3.73
N GLY B 241 2.22 3.28 4.97
CA GLY B 241 1.28 3.22 6.08
C GLY B 241 0.79 1.80 6.33
N THR B 242 0.17 1.58 7.51
CA THR B 242 -0.36 0.27 7.88
C THR B 242 -1.86 0.31 8.18
N GLY B 243 -2.48 1.49 8.14
CA GLY B 243 -3.91 1.52 8.41
C GLY B 243 -4.37 2.66 9.32
N ALA B 244 -3.54 3.03 10.32
CA ALA B 244 -3.95 4.07 11.25
C ALA B 244 -4.13 5.39 10.50
N THR B 245 -5.23 6.08 10.78
CA THR B 245 -5.59 7.33 10.12
C THR B 245 -4.88 8.54 10.73
N ASN B 246 -4.32 8.36 11.93
CA ASN B 246 -3.71 9.48 12.64
C ASN B 246 -2.21 9.28 12.82
N VAL B 247 -1.62 8.45 11.96
CA VAL B 247 -0.19 8.21 12.03
C VAL B 247 0.44 8.52 10.66
N ILE B 248 1.53 9.29 10.68
CA ILE B 248 2.28 9.60 9.48
C ILE B 248 3.21 8.42 9.25
N PRO B 249 3.25 7.81 8.04
CA PRO B 249 4.12 6.66 7.80
C PRO B 249 5.57 7.11 7.72
N GLY B 250 6.48 6.19 8.08
CA GLY B 250 7.91 6.50 8.11
C GLY B 250 8.59 6.34 6.76
N ALA B 251 7.97 5.55 5.87
CA ALA B 251 8.55 5.29 4.57
C ALA B 251 7.48 5.13 3.49
N LEU B 252 7.90 5.34 2.24
CA LEU B 252 7.07 5.18 1.06
C LEU B 252 7.82 4.32 0.06
N GLU B 253 7.20 3.22 -0.37
CA GLU B 253 7.84 2.34 -1.35
C GLU B 253 7.16 2.56 -2.71
N VAL B 254 7.95 2.87 -3.74
CA VAL B 254 7.45 3.11 -5.07
C VAL B 254 8.18 2.19 -6.05
N THR B 255 7.44 1.33 -6.75
CA THR B 255 8.02 0.41 -7.72
C THR B 255 7.70 0.92 -9.13
N PHE B 256 8.72 1.15 -9.96
CA PHE B 256 8.44 1.67 -11.29
C PHE B 256 9.32 0.98 -12.33
N ASN B 257 9.05 1.33 -13.60
CA ASN B 257 9.72 0.68 -14.72
C ASN B 257 9.82 1.56 -15.96
N PHE B 258 10.91 1.33 -16.70
CA PHE B 258 11.19 1.94 -17.98
C PHE B 258 11.24 0.88 -19.07
N ARG B 259 10.56 1.18 -20.17
CA ARG B 259 10.69 0.38 -21.37
C ARG B 259 11.39 1.36 -22.31
N TYR B 260 12.70 1.15 -22.51
CA TYR B 260 13.48 2.14 -23.25
C TYR B 260 13.99 1.67 -24.60
N SER B 261 14.15 2.66 -25.50
CA SER B 261 14.68 2.51 -26.84
C SER B 261 16.19 2.63 -26.77
N THR B 262 16.85 2.48 -27.93
CA THR B 262 18.29 2.54 -28.01
C THR B 262 18.84 3.97 -27.93
N GLU B 263 17.95 4.96 -27.79
CA GLU B 263 18.36 6.35 -27.68
C GLU B 263 18.95 6.65 -26.30
N VAL B 264 18.66 5.78 -25.32
CA VAL B 264 19.20 5.95 -23.97
C VAL B 264 19.71 4.61 -23.47
N THR B 265 20.53 4.66 -22.43
CA THR B 265 21.05 3.49 -21.77
C THR B 265 20.44 3.42 -20.37
N ALA B 266 20.54 2.26 -19.73
CA ALA B 266 20.04 2.11 -18.38
C ALA B 266 20.74 3.12 -17.45
N GLU B 267 22.00 3.42 -17.73
CA GLU B 267 22.79 4.33 -16.91
C GLU B 267 22.32 5.78 -17.07
N GLN B 268 21.96 6.18 -18.30
CA GLN B 268 21.50 7.55 -18.50
C GLN B 268 20.16 7.76 -17.76
N LEU B 269 19.30 6.74 -17.81
CA LEU B 269 18.00 6.79 -17.15
C LEU B 269 18.18 6.84 -15.64
N LYS B 270 19.07 6.01 -15.10
CA LYS B 270 19.30 5.99 -13.66
C LYS B 270 19.75 7.36 -13.17
N GLN B 271 20.73 7.94 -13.87
CA GLN B 271 21.33 9.20 -13.48
C GLN B 271 20.28 10.31 -13.55
N ARG B 272 19.45 10.30 -14.60
CA ARG B 272 18.44 11.35 -14.75
C ARG B 272 17.38 11.24 -13.66
N VAL B 273 17.08 10.01 -13.21
CA VAL B 273 16.10 9.80 -12.16
C VAL B 273 16.64 10.26 -10.81
N HIS B 274 17.90 9.92 -10.47
CA HIS B 274 18.46 10.37 -9.20
C HIS B 274 18.54 11.90 -9.19
N GLU B 275 18.83 12.48 -10.36
CA GLU B 275 18.96 13.92 -10.52
C GLU B 275 17.64 14.61 -10.22
N ILE B 276 16.52 13.97 -10.56
CA ILE B 276 15.20 14.52 -10.32
C ILE B 276 14.80 14.36 -8.85
N LEU B 277 15.16 13.21 -8.24
CA LEU B 277 14.86 12.97 -6.84
C LEU B 277 15.68 13.88 -5.95
N ASP B 278 16.93 14.14 -6.33
CA ASP B 278 17.83 15.02 -5.59
C ASP B 278 17.29 16.45 -5.62
N LYS B 279 16.76 16.85 -6.78
CA LYS B 279 16.18 18.15 -7.05
C LYS B 279 15.00 18.44 -6.12
N HIS B 280 14.28 17.39 -5.70
CA HIS B 280 13.14 17.53 -4.80
C HIS B 280 13.54 17.33 -3.35
N GLY B 281 14.85 17.36 -3.07
CA GLY B 281 15.43 17.24 -1.74
C GLY B 281 15.00 15.97 -0.99
N LEU B 282 14.89 14.84 -1.69
CA LEU B 282 14.45 13.61 -1.05
C LEU B 282 15.61 12.85 -0.43
N GLN B 283 15.28 12.04 0.59
CA GLN B 283 16.16 11.14 1.29
C GLN B 283 15.62 9.75 0.99
N TYR B 284 16.34 9.00 0.16
CA TYR B 284 15.84 7.72 -0.31
C TYR B 284 16.95 6.79 -0.73
N GLU B 285 16.55 5.59 -1.16
CA GLU B 285 17.44 4.58 -1.70
C GLU B 285 16.69 3.84 -2.80
N ILE B 286 17.37 3.58 -3.93
CA ILE B 286 16.77 2.84 -5.02
C ILE B 286 17.53 1.55 -5.24
N VAL B 287 16.79 0.48 -5.51
CA VAL B 287 17.36 -0.79 -5.91
C VAL B 287 16.96 -0.98 -7.36
N TRP B 288 17.95 -0.91 -8.25
CA TRP B 288 17.75 -1.05 -9.68
C TRP B 288 17.93 -2.50 -10.11
N ASN B 289 17.28 -2.84 -11.22
CA ASN B 289 17.35 -4.18 -11.76
C ASN B 289 17.11 -4.10 -13.27
N LEU B 290 18.12 -4.49 -14.05
CA LEU B 290 18.05 -4.48 -15.49
C LEU B 290 17.39 -5.77 -15.95
N SER B 291 16.07 -5.74 -16.12
CA SER B 291 15.31 -6.91 -16.51
C SER B 291 15.65 -7.37 -17.93
N GLY B 292 15.94 -6.42 -18.83
CA GLY B 292 16.26 -6.79 -20.20
C GLY B 292 16.82 -5.63 -21.02
N LEU B 293 17.77 -5.95 -21.92
CA LEU B 293 18.39 -4.98 -22.80
C LEU B 293 17.56 -4.82 -24.07
N PRO B 294 17.62 -3.66 -24.75
CA PRO B 294 16.97 -3.50 -26.04
C PRO B 294 17.68 -4.47 -26.98
N PHE B 295 16.93 -5.13 -27.86
CA PHE B 295 17.57 -6.05 -28.78
C PHE B 295 16.85 -5.96 -30.11
N LEU B 296 17.57 -6.30 -31.18
CA LEU B 296 17.02 -6.27 -32.53
C LEU B 296 17.76 -7.32 -33.33
N THR B 297 17.03 -8.35 -33.75
CA THR B 297 17.62 -9.43 -34.51
C THR B 297 17.44 -9.15 -36.00
N PRO B 298 18.28 -9.74 -36.87
CA PRO B 298 18.17 -9.52 -38.30
C PRO B 298 16.90 -10.08 -38.93
N VAL B 299 16.46 -9.40 -39.99
CA VAL B 299 15.33 -9.83 -40.80
C VAL B 299 15.86 -10.87 -41.79
N GLY B 300 15.37 -12.10 -41.69
CA GLY B 300 15.85 -13.18 -42.55
C GLY B 300 14.73 -14.12 -43.00
N GLU B 301 15.06 -15.41 -43.09
CA GLU B 301 14.16 -16.43 -43.59
C GLU B 301 13.01 -16.70 -42.61
N LEU B 302 13.23 -16.46 -41.31
CA LEU B 302 12.16 -16.69 -40.36
C LEU B 302 11.06 -15.67 -40.60
N VAL B 303 11.46 -14.42 -40.88
CA VAL B 303 10.51 -13.36 -41.17
C VAL B 303 9.78 -13.69 -42.46
N ASN B 304 10.54 -14.20 -43.44
CA ASN B 304 9.99 -14.55 -44.74
C ASN B 304 8.98 -15.69 -44.59
N ALA B 305 9.35 -16.74 -43.84
CA ALA B 305 8.48 -17.88 -43.66
C ALA B 305 7.16 -17.45 -43.01
N ALA B 306 7.26 -16.48 -42.08
CA ALA B 306 6.11 -15.98 -41.34
C ALA B 306 5.25 -15.05 -42.20
N GLN B 307 5.86 -14.26 -43.08
CA GLN B 307 5.07 -13.39 -43.94
C GLN B 307 4.16 -14.23 -44.81
N THR B 308 4.70 -15.30 -45.40
CA THR B 308 3.93 -16.13 -46.32
C THR B 308 2.90 -17.00 -45.57
N ALA B 309 3.26 -17.49 -44.38
CA ALA B 309 2.35 -18.33 -43.61
C ALA B 309 1.13 -17.53 -43.18
N ILE B 310 1.37 -16.31 -42.68
CA ILE B 310 0.31 -15.43 -42.22
C ILE B 310 -0.58 -15.05 -43.39
N LEU B 311 0.04 -14.57 -44.47
CA LEU B 311 -0.73 -14.16 -45.63
C LEU B 311 -1.57 -15.31 -46.17
N ASN B 312 -1.05 -16.53 -46.10
CA ASN B 312 -1.75 -17.67 -46.69
C ASN B 312 -2.95 -18.10 -45.82
N VAL B 313 -2.82 -17.97 -44.49
CA VAL B 313 -3.86 -18.40 -43.57
C VAL B 313 -4.93 -17.31 -43.37
N THR B 314 -4.51 -16.06 -43.25
CA THR B 314 -5.41 -14.97 -42.93
C THR B 314 -5.63 -13.99 -44.09
N GLY B 315 -4.69 -13.91 -45.03
CA GLY B 315 -4.80 -12.93 -46.10
C GLY B 315 -4.33 -11.55 -45.65
N THR B 316 -3.52 -11.53 -44.57
CA THR B 316 -3.00 -10.29 -44.02
C THR B 316 -1.51 -10.13 -44.33
N GLU B 317 -1.12 -8.88 -44.62
CA GLU B 317 0.27 -8.48 -44.80
C GLU B 317 0.77 -8.07 -43.44
N THR B 318 1.64 -8.89 -42.84
CA THR B 318 2.14 -8.57 -41.51
C THR B 318 3.11 -7.40 -41.60
N GLU B 319 3.37 -6.80 -40.46
CA GLU B 319 4.26 -5.66 -40.35
C GLU B 319 5.16 -5.88 -39.13
N LEU B 320 6.47 -5.63 -39.30
CA LEU B 320 7.46 -5.77 -38.23
C LEU B 320 7.30 -4.62 -37.25
N SER B 321 7.71 -4.87 -35.99
CA SER B 321 7.63 -3.90 -34.92
C SER B 321 8.47 -4.35 -33.73
N THR B 322 8.78 -3.42 -32.83
CA THR B 322 9.51 -3.72 -31.62
C THR B 322 8.71 -3.22 -30.42
N SER B 323 7.45 -2.89 -30.68
CA SER B 323 6.55 -2.31 -29.70
C SER B 323 6.12 -3.32 -28.64
N GLY B 324 5.43 -2.77 -27.62
CA GLY B 324 4.93 -3.57 -26.52
C GLY B 324 5.97 -3.75 -25.43
N GLY B 325 5.93 -4.93 -24.81
CA GLY B 325 6.87 -5.25 -23.74
C GLY B 325 8.13 -5.86 -24.30
N THR B 326 8.62 -6.88 -23.59
CA THR B 326 9.80 -7.61 -24.00
C THR B 326 9.46 -9.08 -23.85
N SER B 327 10.44 -9.96 -24.08
CA SER B 327 10.19 -11.38 -24.02
C SER B 327 11.50 -12.13 -23.80
N ASP B 328 11.42 -13.46 -23.74
CA ASP B 328 12.62 -14.27 -23.58
C ASP B 328 13.46 -14.17 -24.84
N GLY B 329 12.93 -13.51 -25.86
CA GLY B 329 13.71 -13.30 -27.06
C GLY B 329 14.97 -12.50 -26.71
N ARG B 330 14.95 -11.81 -25.56
CA ARG B 330 16.11 -11.02 -25.18
C ARG B 330 17.23 -11.94 -24.69
N PHE B 331 16.89 -13.16 -24.25
CA PHE B 331 17.90 -14.07 -23.75
C PHE B 331 18.36 -15.03 -24.85
N ILE B 332 17.55 -15.15 -25.91
CA ILE B 332 17.81 -16.04 -27.03
C ILE B 332 18.55 -15.32 -28.15
N ALA B 333 18.21 -14.05 -28.39
CA ALA B 333 18.80 -13.27 -29.46
C ALA B 333 20.32 -13.23 -29.34
N PRO B 334 20.93 -13.08 -28.14
CA PRO B 334 22.39 -13.02 -28.03
C PRO B 334 23.13 -14.25 -28.55
N THR B 335 22.41 -15.37 -28.77
CA THR B 335 23.07 -16.57 -29.27
C THR B 335 23.26 -16.49 -30.78
N GLY B 336 22.48 -15.61 -31.42
CA GLY B 336 22.59 -15.42 -32.85
C GLY B 336 21.36 -15.93 -33.60
N ALA B 337 20.41 -16.50 -32.87
CA ALA B 337 19.21 -17.00 -33.53
C ALA B 337 18.36 -15.83 -34.02
N GLN B 338 17.71 -16.00 -35.18
CA GLN B 338 16.79 -14.96 -35.62
C GLN B 338 15.56 -15.09 -34.73
N VAL B 339 15.11 -13.96 -34.16
CA VAL B 339 13.98 -14.00 -33.25
C VAL B 339 12.78 -13.35 -33.92
N LEU B 340 11.61 -14.00 -33.82
CA LEU B 340 10.36 -13.44 -34.33
C LEU B 340 9.21 -13.85 -33.41
N GLU B 341 8.44 -12.86 -32.96
CA GLU B 341 7.33 -13.11 -32.07
C GLU B 341 6.03 -13.05 -32.88
N LEU B 342 5.18 -14.05 -32.69
CA LEU B 342 3.91 -14.16 -33.41
C LEU B 342 2.89 -14.90 -32.56
N GLY B 343 1.79 -14.20 -32.24
CA GLY B 343 0.72 -14.79 -31.44
C GLY B 343 -0.61 -14.06 -31.61
N VAL B 344 -1.48 -14.26 -30.60
CA VAL B 344 -2.84 -13.73 -30.57
C VAL B 344 -2.83 -12.25 -30.22
N LEU B 345 -4.02 -11.66 -30.13
CA LEU B 345 -4.13 -10.24 -29.80
C LEU B 345 -3.63 -10.00 -28.38
N ASN B 346 -2.94 -8.86 -28.20
CA ASN B 346 -2.45 -8.48 -26.89
C ASN B 346 -3.45 -7.55 -26.20
N ALA B 347 -4.64 -7.37 -26.81
CA ALA B 347 -5.64 -6.44 -26.30
C ALA B 347 -5.89 -6.57 -24.79
N THR B 348 -6.01 -7.81 -24.28
CA THR B 348 -6.39 -7.98 -22.88
C THR B 348 -5.29 -8.59 -22.01
N ILE B 349 -4.01 -8.54 -22.44
CA ILE B 349 -3.03 -9.20 -21.59
C ILE B 349 -2.83 -8.41 -20.30
N HIS B 350 -2.67 -9.15 -19.20
CA HIS B 350 -2.46 -8.67 -17.85
C HIS B 350 -3.69 -7.97 -17.27
N GLN B 351 -4.80 -8.00 -18.02
CA GLN B 351 -6.03 -7.36 -17.57
C GLN B 351 -6.92 -8.38 -16.87
N ILE B 352 -7.94 -7.84 -16.20
CA ILE B 352 -8.97 -8.66 -15.58
C ILE B 352 -9.91 -9.10 -16.68
N ASN B 353 -10.37 -10.35 -16.63
CA ASN B 353 -11.26 -10.91 -17.64
C ASN B 353 -10.51 -11.06 -18.96
N GLU B 354 -9.21 -11.38 -18.86
CA GLU B 354 -8.36 -11.66 -20.02
C GLU B 354 -9.04 -12.72 -20.88
N HIS B 355 -9.08 -12.50 -22.20
CA HIS B 355 -9.70 -13.47 -23.08
C HIS B 355 -9.06 -13.43 -24.46
N VAL B 356 -9.42 -14.42 -25.27
CA VAL B 356 -8.95 -14.53 -26.65
C VAL B 356 -10.12 -15.03 -27.50
N ASP B 357 -10.15 -14.59 -28.76
CA ASP B 357 -11.20 -15.01 -29.67
C ASP B 357 -10.91 -16.43 -30.12
N VAL B 358 -11.88 -17.33 -29.91
CA VAL B 358 -11.75 -18.73 -30.30
C VAL B 358 -11.45 -18.86 -31.80
N HIS B 359 -11.97 -17.93 -32.61
CA HIS B 359 -11.80 -18.00 -34.06
C HIS B 359 -10.36 -17.80 -34.52
N ASP B 360 -9.44 -17.51 -33.60
CA ASP B 360 -8.03 -17.32 -33.94
C ASP B 360 -7.17 -18.52 -33.57
N LEU B 361 -7.69 -19.44 -32.74
CA LEU B 361 -6.89 -20.56 -32.27
C LEU B 361 -6.44 -21.49 -33.40
N ASP B 362 -7.39 -22.00 -34.19
CA ASP B 362 -7.03 -22.90 -35.29
C ASP B 362 -6.15 -22.15 -36.30
N PRO B 363 -6.51 -20.94 -36.78
CA PRO B 363 -5.63 -20.19 -37.68
C PRO B 363 -4.18 -20.11 -37.17
N LEU B 364 -3.99 -19.62 -35.94
CA LEU B 364 -2.65 -19.52 -35.35
C LEU B 364 -1.97 -20.89 -35.39
N THR B 365 -2.71 -21.96 -35.10
CA THR B 365 -2.15 -23.31 -35.15
C THR B 365 -1.68 -23.59 -36.57
N ASP B 366 -2.52 -23.23 -37.56
CA ASP B 366 -2.20 -23.43 -38.97
C ASP B 366 -1.01 -22.55 -39.36
N ILE B 367 -1.00 -21.30 -38.92
CA ILE B 367 0.10 -20.40 -39.21
C ILE B 367 1.41 -21.03 -38.74
N TYR B 368 1.44 -21.48 -37.48
CA TYR B 368 2.66 -22.06 -36.95
C TYR B 368 3.04 -23.33 -37.72
N GLU B 369 2.04 -24.13 -38.11
CA GLU B 369 2.34 -25.36 -38.82
C GLU B 369 3.03 -24.99 -40.13
N GLN B 370 2.45 -24.05 -40.89
CA GLN B 370 2.98 -23.71 -42.22
C GLN B 370 4.39 -23.13 -42.12
N ILE B 371 4.72 -22.46 -41.01
CA ILE B 371 6.06 -21.94 -40.84
C ILE B 371 7.02 -23.13 -40.76
N LEU B 372 6.62 -24.18 -40.06
CA LEU B 372 7.45 -25.37 -40.01
C LEU B 372 7.66 -25.89 -41.42
N GLU B 373 6.59 -25.89 -42.24
CA GLU B 373 6.67 -26.44 -43.57
C GLU B 373 7.62 -25.62 -44.45
N ASN B 374 7.54 -24.29 -44.34
CA ASN B 374 8.34 -23.42 -45.20
C ASN B 374 9.83 -23.49 -44.82
N LEU B 375 10.11 -23.74 -43.54
CA LEU B 375 11.50 -23.77 -43.08
C LEU B 375 12.10 -25.17 -43.07
N LEU B 376 11.27 -26.20 -42.91
CA LEU B 376 11.80 -27.55 -42.78
C LEU B 376 11.24 -28.52 -43.81
N ALA B 377 10.55 -28.03 -44.84
CA ALA B 377 10.02 -28.91 -45.88
C ALA B 377 9.51 -28.06 -47.05
ZN ZN C . -4.26 10.20 23.52
ZN ZN D . -2.87 9.34 20.13
C1 SIN E . -3.32 15.38 20.96
O1 SIN E . -3.18 16.35 20.20
O2 SIN E . -3.31 15.47 22.20
C2 SIN E . -3.55 14.00 20.35
C3 SIN E . -3.99 12.95 21.34
C4 SIN E . -3.92 11.51 20.84
O3 SIN E . -3.39 11.26 19.73
O4 SIN E . -4.36 10.61 21.58
C 2OP F . -6.14 12.15 17.17
O 2OP F . -6.12 11.58 16.08
CB 2OP F . -7.86 10.75 18.28
OHN 2OP F . -6.32 12.03 19.60
CA 2OP F . -6.46 11.29 18.41
OXT 2OP F . -5.94 13.37 17.37
C1 PGE G . -8.30 36.26 21.01
O1 PGE G . -8.32 37.58 21.49
C2 PGE G . -7.46 35.36 21.86
O2 PGE G . -7.99 34.04 21.84
C3 PGE G . -7.01 33.05 22.14
C4 PGE G . -6.40 33.33 23.48
O4 PGE G . -2.56 33.27 23.66
C6 PGE G . -3.46 32.45 24.36
C5 PGE G . -4.51 31.88 23.46
O3 PGE G . -5.80 32.15 24.00
ZN ZN H . 4.04 -13.58 -22.29
ZN ZN I . 2.90 -11.10 -19.67
C1 SIN J . 4.52 -8.65 -24.95
O1 SIN J . 4.42 -9.61 -25.77
O2 SIN J . 4.61 -7.43 -25.30
C2 SIN J . 4.54 -8.95 -23.46
C3 SIN J . 4.62 -10.43 -23.08
C4 SIN J . 4.21 -10.72 -21.65
O3 SIN J . 4.30 -11.89 -21.25
O4 SIN J . 3.77 -9.79 -20.94
C 2OP K . 6.90 -7.90 -20.13
O 2OP K . 7.06 -7.37 -21.24
CB 2OP K . 8.23 -9.88 -19.31
OHN 2OP K . 6.96 -10.00 -21.33
CA 2OP K . 6.98 -9.42 -20.05
OXT 2OP K . 6.66 -7.29 -19.06
O1 PG4 L . 14.29 1.73 -41.84
C1 PG4 L . 13.50 1.50 -40.70
C2 PG4 L . 12.97 0.09 -40.64
O2 PG4 L . 12.21 -0.09 -39.44
C3 PG4 L . 11.61 -1.38 -39.33
C4 PG4 L . 10.39 -1.45 -40.19
O3 PG4 L . 9.23 -1.10 -39.44
C5 PG4 L . 8.34 -0.23 -40.14
C6 PG4 L . 7.86 -0.90 -41.41
O4 PG4 L . 7.64 -2.29 -41.16
C7 PG4 L . 7.98 -3.12 -42.27
C8 PG4 L . 6.84 -4.05 -42.59
O5 PG4 L . 7.22 -5.42 -42.53
C1 CIT M . 1.20 9.53 -23.06
O1 CIT M . 1.14 9.16 -24.26
O2 CIT M . 0.26 10.08 -22.47
C2 CIT M . 2.50 9.28 -22.31
C3 CIT M . 3.44 10.48 -22.18
O7 CIT M . 3.17 11.41 -23.21
C4 CIT M . 4.89 10.00 -22.34
C5 CIT M . 5.97 10.93 -21.84
O3 CIT M . 6.82 10.48 -21.05
O4 CIT M . 5.97 12.11 -22.25
C6 CIT M . 3.27 11.16 -20.79
O5 CIT M . 3.59 10.49 -19.79
O6 CIT M . 2.82 12.33 -20.75
#